data_5U0K
#
_entry.id   5U0K
#
_cell.length_a   85.260
_cell.length_b   85.260
_cell.length_c   336.780
_cell.angle_alpha   90.00
_cell.angle_beta   90.00
_cell.angle_gamma   120.00
#
_symmetry.space_group_name_H-M   'P 65'
#
loop_
_entity.id
_entity.type
_entity.pdbx_description
1 polymer 'Glutaminase liver isoform, mitochondrial'
2 water water
#
_entity_poly.entity_id   1
_entity_poly.type   'polypeptide(L)'
_entity_poly.pdbx_seq_one_letter_code
;MHHHHHHSSGVDLGTENLYFQSMKTVVNLLFAAYSGDVSALRRFALSAMDMEQKDYDSRTALHVAAAEGHIEVVKFLIEA
CKVNPFAKDRWGNIPLDDAVQFNHLEVVKLLQDYQDSYTLSETQAEAAAEALSKENLESMV
;
_entity_poly.pdbx_strand_id   A,B,C,D,E,F,G,H,I,J
#
# COMPACT_ATOMS: atom_id res chain seq x y z
N SER A 22 -42.86 9.05 17.53
CA SER A 22 -42.49 7.68 17.87
C SER A 22 -42.52 6.80 16.62
N MET A 23 -43.73 6.47 16.17
CA MET A 23 -43.87 5.75 14.90
C MET A 23 -43.45 6.60 13.72
N LYS A 24 -43.50 7.93 13.86
CA LYS A 24 -43.01 8.81 12.80
C LYS A 24 -41.54 8.52 12.49
N THR A 25 -40.74 8.26 13.52
CA THR A 25 -39.33 8.01 13.31
C THR A 25 -39.08 6.61 12.77
N VAL A 26 -39.85 5.62 13.23
CA VAL A 26 -39.72 4.26 12.71
C VAL A 26 -39.87 4.26 11.19
N VAL A 27 -40.74 5.12 10.66
CA VAL A 27 -40.96 5.16 9.22
C VAL A 27 -39.87 5.95 8.52
N ASN A 28 -39.47 7.09 9.09
CA ASN A 28 -38.28 7.77 8.60
C ASN A 28 -37.10 6.82 8.59
N LEU A 29 -36.97 6.01 9.64
CA LEU A 29 -35.92 5.00 9.70
C LEU A 29 -36.07 4.00 8.56
N LEU A 30 -37.27 3.48 8.37
CA LEU A 30 -37.47 2.45 7.34
C LEU A 30 -37.46 3.04 5.94
N PHE A 31 -37.91 4.28 5.77
CA PHE A 31 -37.80 4.93 4.47
C PHE A 31 -36.35 5.26 4.14
N ALA A 32 -35.53 5.56 5.15
CA ALA A 32 -34.11 5.76 4.91
C ALA A 32 -33.44 4.48 4.44
N ALA A 33 -33.82 3.34 5.05
CA ALA A 33 -33.32 2.06 4.58
C ALA A 33 -33.81 1.73 3.18
N TYR A 34 -35.03 2.18 2.84
CA TYR A 34 -35.57 1.90 1.51
C TYR A 34 -34.76 2.60 0.42
N SER A 35 -34.29 3.81 0.69
CA SER A 35 -33.59 4.62 -0.30
C SER A 35 -32.10 4.34 -0.36
N GLY A 36 -31.58 3.50 0.54
CA GLY A 36 -30.15 3.27 0.57
C GLY A 36 -29.35 4.38 1.22
N ASP A 37 -29.99 5.22 2.03
CA ASP A 37 -29.34 6.37 2.67
C ASP A 37 -28.67 5.88 3.95
N VAL A 38 -27.40 5.46 3.84
CA VAL A 38 -26.67 4.98 5.00
C VAL A 38 -26.41 6.13 5.98
N SER A 39 -26.17 7.34 5.46
CA SER A 39 -25.88 8.48 6.32
C SER A 39 -27.08 8.83 7.19
N ALA A 40 -28.28 8.81 6.62
CA ALA A 40 -29.48 9.09 7.40
C ALA A 40 -29.70 8.03 8.47
N LEU A 41 -29.47 6.77 8.14
CA LEU A 41 -29.54 5.70 9.14
C LEU A 41 -28.54 5.95 10.26
N ARG A 42 -27.32 6.38 9.90
CA ARG A 42 -26.32 6.66 10.92
C ARG A 42 -26.77 7.75 11.87
N ARG A 43 -27.38 8.82 11.35
CA ARG A 43 -27.86 9.89 12.20
C ARG A 43 -28.95 9.40 13.14
N PHE A 44 -29.81 8.49 12.67
CA PHE A 44 -30.80 7.88 13.55
C PHE A 44 -30.12 7.04 14.63
N ALA A 45 -29.15 6.22 14.23
CA ALA A 45 -28.47 5.36 15.20
C ALA A 45 -27.62 6.15 16.17
N LEU A 46 -27.02 7.26 15.71
CA LEU A 46 -26.16 8.06 16.57
C LEU A 46 -26.93 8.81 17.64
N SER A 47 -28.26 8.83 17.56
CA SER A 47 -29.11 9.46 18.57
C SER A 47 -29.73 8.44 19.51
N ALA A 48 -29.13 7.26 19.63
CA ALA A 48 -29.57 6.22 20.57
C ALA A 48 -30.97 5.72 20.26
N MET A 49 -31.40 5.82 19.01
CA MET A 49 -32.70 5.31 18.60
C MET A 49 -32.64 3.80 18.45
N ASP A 50 -33.68 3.11 18.92
CA ASP A 50 -33.80 1.67 18.75
C ASP A 50 -33.90 1.32 17.28
N MET A 51 -32.82 0.80 16.70
CA MET A 51 -32.79 0.48 15.28
C MET A 51 -33.50 -0.82 14.95
N GLU A 52 -34.00 -1.56 15.95
CA GLU A 52 -34.70 -2.81 15.72
C GLU A 52 -36.21 -2.67 15.78
N GLN A 53 -36.73 -1.44 15.77
CA GLN A 53 -38.16 -1.24 15.86
C GLN A 53 -38.86 -1.65 14.58
N LYS A 54 -40.12 -2.08 14.73
CA LYS A 54 -40.91 -2.61 13.63
C LYS A 54 -42.10 -1.69 13.35
N ASP A 55 -42.64 -1.82 12.14
CA ASP A 55 -43.75 -0.98 11.70
C ASP A 55 -45.07 -1.75 11.85
N TYR A 56 -46.10 -1.30 11.12
CA TYR A 56 -47.43 -1.92 11.19
C TYR A 56 -47.43 -3.34 10.62
N ASP A 57 -46.46 -3.70 9.79
CA ASP A 57 -46.32 -5.04 9.26
C ASP A 57 -45.21 -5.82 9.96
N SER A 58 -44.81 -5.39 11.15
CA SER A 58 -43.72 -6.00 11.92
C SER A 58 -42.42 -6.02 11.12
N ARG A 59 -42.22 -5.04 10.24
CA ARG A 59 -41.03 -4.96 9.41
C ARG A 59 -40.01 -4.02 10.04
N THR A 60 -38.75 -4.45 10.06
CA THR A 60 -37.65 -3.65 10.58
C THR A 60 -36.89 -3.00 9.44
N ALA A 61 -35.91 -2.15 9.80
CA ALA A 61 -35.07 -1.51 8.80
C ALA A 61 -34.26 -2.55 8.03
N LEU A 62 -33.81 -3.60 8.71
CA LEU A 62 -33.08 -4.68 8.03
C LEU A 62 -33.99 -5.43 7.07
N HIS A 63 -35.27 -5.56 7.38
CA HIS A 63 -36.21 -6.18 6.45
C HIS A 63 -36.25 -5.43 5.13
N VAL A 64 -36.47 -4.11 5.19
CA VAL A 64 -36.65 -3.32 3.98
C VAL A 64 -35.34 -3.24 3.20
N ALA A 65 -34.22 -3.12 3.91
CA ALA A 65 -32.92 -3.09 3.25
C ALA A 65 -32.65 -4.38 2.49
N ALA A 66 -32.84 -5.52 3.16
CA ALA A 66 -32.60 -6.80 2.51
C ALA A 66 -33.54 -7.03 1.33
N ALA A 67 -34.79 -6.58 1.46
CA ALA A 67 -35.74 -6.75 0.37
C ALA A 67 -35.37 -5.90 -0.83
N GLU A 68 -34.83 -4.70 -0.60
CA GLU A 68 -34.40 -3.84 -1.69
C GLU A 68 -32.99 -4.17 -2.18
N GLY A 69 -32.22 -4.93 -1.42
CA GLY A 69 -30.89 -5.31 -1.83
C GLY A 69 -29.83 -4.26 -1.61
N HIS A 70 -30.03 -3.38 -0.63
CA HIS A 70 -29.07 -2.31 -0.36
C HIS A 70 -27.92 -2.89 0.46
N ILE A 71 -26.85 -3.28 -0.23
CA ILE A 71 -25.76 -4.01 0.43
C ILE A 71 -25.09 -3.15 1.49
N GLU A 72 -24.86 -1.87 1.20
CA GLU A 72 -24.20 -0.99 2.16
C GLU A 72 -25.09 -0.70 3.36
N VAL A 73 -26.42 -0.70 3.17
CA VAL A 73 -27.33 -0.48 4.28
C VAL A 73 -27.37 -1.71 5.19
N VAL A 74 -27.39 -2.90 4.59
CA VAL A 74 -27.36 -4.14 5.39
C VAL A 74 -26.06 -4.22 6.17
N LYS A 75 -24.95 -3.83 5.55
CA LYS A 75 -23.66 -3.79 6.24
C LYS A 75 -23.73 -2.93 7.49
N PHE A 76 -24.27 -1.71 7.36
CA PHE A 76 -24.31 -0.79 8.50
C PHE A 76 -25.17 -1.35 9.63
N LEU A 77 -26.32 -1.92 9.30
CA LEU A 77 -27.19 -2.45 10.34
C LEU A 77 -26.60 -3.70 11.00
N ILE A 78 -25.73 -4.42 10.28
CA ILE A 78 -25.11 -5.61 10.84
C ILE A 78 -23.88 -5.24 11.67
N GLU A 79 -22.98 -4.45 11.09
CA GLU A 79 -21.69 -4.20 11.73
C GLU A 79 -21.79 -3.11 12.79
N ALA A 80 -22.44 -1.99 12.46
CA ALA A 80 -22.48 -0.84 13.36
C ALA A 80 -23.58 -0.94 14.41
N CYS A 81 -24.78 -1.35 14.01
CA CYS A 81 -25.90 -1.41 14.93
C CYS A 81 -26.10 -2.78 15.57
N LYS A 82 -25.65 -3.84 14.92
CA LYS A 82 -25.73 -5.21 15.44
C LYS A 82 -27.18 -5.56 15.82
N VAL A 83 -28.02 -5.59 14.78
CA VAL A 83 -29.44 -5.83 14.95
C VAL A 83 -29.70 -7.33 14.87
N ASN A 84 -30.77 -7.77 15.53
CA ASN A 84 -31.14 -9.17 15.53
C ASN A 84 -31.65 -9.56 14.14
N PRO A 85 -30.97 -10.47 13.44
CA PRO A 85 -31.40 -10.84 12.09
C PRO A 85 -32.52 -11.88 12.05
N PHE A 86 -32.97 -12.36 13.21
CA PHE A 86 -34.01 -13.37 13.29
C PHE A 86 -35.38 -12.78 13.58
N ALA A 87 -35.52 -11.45 13.49
CA ALA A 87 -36.81 -10.82 13.70
C ALA A 87 -37.78 -11.22 12.59
N LYS A 88 -38.99 -11.63 12.98
CA LYS A 88 -40.00 -12.08 12.03
C LYS A 88 -41.04 -11.00 11.81
N ASP A 89 -41.44 -10.83 10.56
CA ASP A 89 -42.45 -9.83 10.20
C ASP A 89 -43.84 -10.44 10.33
N ARG A 90 -44.85 -9.80 9.71
CA ARG A 90 -46.22 -10.30 9.83
C ARG A 90 -46.35 -11.70 9.26
N TRP A 91 -45.65 -11.99 8.18
CA TRP A 91 -45.70 -13.29 7.52
C TRP A 91 -44.66 -14.27 8.08
N GLY A 92 -44.03 -13.94 9.20
CA GLY A 92 -43.07 -14.84 9.84
C GLY A 92 -41.72 -14.94 9.17
N ASN A 93 -41.37 -14.02 8.28
CA ASN A 93 -40.12 -14.07 7.57
C ASN A 93 -39.06 -13.18 8.23
N ILE A 94 -37.82 -13.63 8.15
CA ILE A 94 -36.67 -12.84 8.61
C ILE A 94 -36.13 -12.06 7.41
N PRO A 95 -35.33 -11.01 7.61
CA PRO A 95 -34.82 -10.24 6.46
C PRO A 95 -34.16 -11.09 5.38
N LEU A 96 -33.52 -12.19 5.76
CA LEU A 96 -32.86 -13.05 4.77
C LEU A 96 -33.86 -13.62 3.77
N ASP A 97 -35.09 -13.89 4.21
CA ASP A 97 -36.10 -14.48 3.32
C ASP A 97 -36.41 -13.56 2.15
N ASP A 98 -36.46 -12.25 2.41
CA ASP A 98 -36.74 -11.31 1.32
C ASP A 98 -35.57 -11.22 0.35
N ALA A 99 -34.34 -11.20 0.87
CA ALA A 99 -33.16 -11.18 0.00
C ALA A 99 -33.10 -12.42 -0.87
N VAL A 100 -33.52 -13.57 -0.33
CA VAL A 100 -33.55 -14.79 -1.12
C VAL A 100 -34.62 -14.71 -2.21
N GLN A 101 -35.80 -14.19 -1.86
CA GLN A 101 -36.91 -14.17 -2.82
C GLN A 101 -36.64 -13.20 -3.96
N PHE A 102 -35.89 -12.13 -3.72
CA PHE A 102 -35.64 -11.11 -4.74
C PHE A 102 -34.22 -11.15 -5.29
N ASN A 103 -33.48 -12.23 -5.02
CA ASN A 103 -32.20 -12.50 -5.66
C ASN A 103 -31.18 -11.39 -5.40
N HIS A 104 -31.00 -11.06 -4.11
CA HIS A 104 -29.95 -10.15 -3.65
C HIS A 104 -28.93 -11.01 -2.90
N LEU A 105 -28.00 -11.60 -3.66
CA LEU A 105 -27.17 -12.67 -3.08
C LEU A 105 -26.02 -12.11 -2.25
N GLU A 106 -25.50 -10.93 -2.60
CA GLU A 106 -24.51 -10.29 -1.73
C GLU A 106 -25.09 -10.02 -0.35
N VAL A 107 -26.38 -9.68 -0.26
CA VAL A 107 -27.03 -9.53 1.04
C VAL A 107 -27.27 -10.90 1.67
N VAL A 108 -27.59 -11.91 0.85
CA VAL A 108 -27.83 -13.25 1.36
C VAL A 108 -26.57 -13.79 2.03
N LYS A 109 -25.43 -13.70 1.35
CA LYS A 109 -24.18 -14.21 1.90
C LYS A 109 -23.83 -13.50 3.20
N LEU A 110 -24.06 -12.19 3.27
CA LEU A 110 -23.76 -11.44 4.48
C LEU A 110 -24.66 -11.87 5.63
N LEU A 111 -25.96 -11.99 5.37
CA LEU A 111 -26.88 -12.44 6.40
C LEU A 111 -26.65 -13.90 6.77
N GLN A 112 -26.24 -14.72 5.81
CA GLN A 112 -25.85 -16.09 6.12
C GLN A 112 -24.71 -16.12 7.14
N ASP A 113 -23.61 -15.41 6.84
CA ASP A 113 -22.46 -15.42 7.73
C ASP A 113 -22.76 -14.76 9.06
N TYR A 114 -23.59 -13.71 9.06
CA TYR A 114 -23.89 -13.01 10.30
C TYR A 114 -24.84 -13.80 11.18
N GLN A 115 -25.73 -14.61 10.59
CA GLN A 115 -26.66 -15.40 11.38
C GLN A 115 -25.97 -16.55 12.10
N ASP A 116 -24.92 -17.12 11.50
CA ASP A 116 -24.21 -18.23 12.14
C ASP A 116 -23.33 -17.77 13.30
N SER A 117 -22.98 -16.48 13.34
CA SER A 117 -22.16 -15.94 14.40
C SER A 117 -22.92 -15.08 15.38
N TYR A 118 -24.22 -14.86 15.16
CA TYR A 118 -24.99 -13.92 15.95
C TYR A 118 -25.06 -14.32 17.42
N THR A 119 -24.24 -13.67 18.25
CA THR A 119 -24.22 -13.86 19.70
C THR A 119 -24.33 -15.32 20.14
N LYS B 24 8.35 -0.83 14.93
CA LYS B 24 9.55 -0.07 15.25
C LYS B 24 10.50 -0.09 14.06
N THR B 25 10.90 -1.29 13.65
CA THR B 25 11.72 -1.46 12.45
C THR B 25 10.90 -1.40 11.17
N VAL B 26 9.58 -1.49 11.25
CA VAL B 26 8.75 -1.42 10.06
C VAL B 26 8.49 0.03 9.66
N VAL B 27 8.38 0.93 10.63
CA VAL B 27 8.13 2.33 10.32
C VAL B 27 9.40 3.02 9.82
N ASN B 28 10.57 2.60 10.30
CA ASN B 28 11.81 3.02 9.66
C ASN B 28 11.82 2.63 8.19
N LEU B 29 11.36 1.41 7.88
CA LEU B 29 11.31 0.95 6.50
C LEU B 29 10.31 1.75 5.69
N LEU B 30 9.12 1.99 6.25
CA LEU B 30 8.09 2.68 5.49
C LEU B 30 8.35 4.18 5.40
N PHE B 31 9.08 4.75 6.36
CA PHE B 31 9.47 6.15 6.22
C PHE B 31 10.54 6.31 5.14
N ALA B 32 11.43 5.34 5.01
CA ALA B 32 12.42 5.38 3.93
C ALA B 32 11.73 5.27 2.57
N ALA B 33 10.69 4.46 2.47
CA ALA B 33 9.93 4.36 1.23
C ALA B 33 9.20 5.67 0.93
N TYR B 34 8.65 6.31 1.97
CA TYR B 34 7.99 7.60 1.77
C TYR B 34 8.96 8.64 1.24
N SER B 35 10.21 8.62 1.72
CA SER B 35 11.20 9.63 1.41
C SER B 35 11.98 9.35 0.14
N GLY B 36 11.74 8.23 -0.53
CA GLY B 36 12.58 7.85 -1.64
C GLY B 36 14.00 7.54 -1.24
N ASP B 37 14.20 7.08 -0.01
CA ASP B 37 15.53 6.83 0.55
C ASP B 37 15.97 5.42 0.14
N VAL B 38 16.43 5.30 -1.11
CA VAL B 38 16.88 4.01 -1.60
C VAL B 38 18.13 3.53 -0.87
N SER B 39 18.91 4.46 -0.29
CA SER B 39 20.07 4.04 0.49
C SER B 39 19.66 3.31 1.77
N ALA B 40 18.66 3.85 2.48
CA ALA B 40 18.18 3.19 3.69
C ALA B 40 17.58 1.82 3.38
N LEU B 41 16.93 1.68 2.22
CA LEU B 41 16.34 0.38 1.87
C LEU B 41 17.42 -0.64 1.55
N ARG B 42 18.46 -0.24 0.82
CA ARG B 42 19.57 -1.15 0.55
C ARG B 42 20.24 -1.57 1.85
N ARG B 43 20.18 -0.71 2.87
CA ARG B 43 20.69 -1.08 4.18
C ARG B 43 19.77 -2.06 4.89
N PHE B 44 18.45 -1.82 4.81
CA PHE B 44 17.48 -2.74 5.40
C PHE B 44 17.49 -4.09 4.66
N ALA B 45 17.61 -4.06 3.33
CA ALA B 45 17.62 -5.29 2.56
C ALA B 45 18.82 -6.16 2.87
N LEU B 46 19.92 -5.58 3.36
CA LEU B 46 21.08 -6.38 3.71
C LEU B 46 20.95 -7.00 5.09
N SER B 47 20.27 -6.33 6.01
CA SER B 47 20.12 -6.79 7.39
C SER B 47 19.04 -7.85 7.54
N ALA B 48 18.61 -8.47 6.46
CA ALA B 48 17.63 -9.56 6.48
C ALA B 48 16.31 -9.14 7.12
N MET B 49 15.97 -7.86 7.00
CA MET B 49 14.67 -7.39 7.45
C MET B 49 13.59 -7.86 6.49
N ASP B 50 12.42 -8.17 7.03
CA ASP B 50 11.28 -8.57 6.21
C ASP B 50 10.75 -7.32 5.49
N MET B 51 11.09 -7.18 4.21
CA MET B 51 10.67 -6.02 3.45
C MET B 51 9.18 -6.01 3.17
N GLU B 52 8.46 -7.09 3.47
CA GLU B 52 7.04 -7.19 3.22
C GLU B 52 6.19 -7.07 4.49
N GLN B 53 6.80 -6.78 5.63
CA GLN B 53 6.03 -6.60 6.85
C GLN B 53 5.22 -5.31 6.77
N LYS B 54 4.09 -5.29 7.49
CA LYS B 54 3.15 -4.19 7.41
C LYS B 54 3.02 -3.49 8.76
N ASP B 55 2.29 -2.37 8.75
CA ASP B 55 2.11 -1.53 9.91
C ASP B 55 0.69 -1.66 10.47
N TYR B 56 0.30 -0.72 11.33
CA TYR B 56 -1.00 -0.74 11.98
C TYR B 56 -2.16 -0.63 10.99
N ASP B 57 -1.93 -0.04 9.82
CA ASP B 57 -2.94 0.03 8.77
C ASP B 57 -2.76 -1.06 7.72
N SER B 58 -1.97 -2.09 8.03
CA SER B 58 -1.66 -3.18 7.10
C SER B 58 -1.01 -2.68 5.81
N ARG B 59 -0.32 -1.55 5.88
CA ARG B 59 0.38 -1.01 4.72
C ARG B 59 1.83 -1.51 4.72
N THR B 60 2.31 -1.86 3.54
CA THR B 60 3.69 -2.30 3.36
C THR B 60 4.52 -1.14 2.81
N ALA B 61 5.82 -1.39 2.63
CA ALA B 61 6.71 -0.38 2.06
C ALA B 61 6.35 -0.07 0.61
N LEU B 62 5.92 -1.09 -0.13
CA LEU B 62 5.48 -0.86 -1.50
C LEU B 62 4.22 0.00 -1.54
N HIS B 63 3.35 -0.12 -0.53
CA HIS B 63 2.16 0.72 -0.48
C HIS B 63 2.54 2.20 -0.39
N VAL B 64 3.40 2.54 0.57
CA VAL B 64 3.77 3.94 0.77
C VAL B 64 4.54 4.46 -0.44
N ALA B 65 5.46 3.66 -0.98
CA ALA B 65 6.26 4.08 -2.12
C ALA B 65 5.41 4.31 -3.35
N ALA B 66 4.33 3.53 -3.53
CA ALA B 66 3.46 3.72 -4.68
C ALA B 66 2.56 4.93 -4.52
N ALA B 67 2.15 5.25 -3.29
CA ALA B 67 1.29 6.40 -3.08
C ALA B 67 2.03 7.72 -3.27
N GLU B 68 3.34 7.72 -3.07
CA GLU B 68 4.15 8.92 -3.27
C GLU B 68 4.71 9.03 -4.68
N GLY B 69 4.83 7.92 -5.40
CA GLY B 69 5.34 7.94 -6.74
C GLY B 69 6.83 7.80 -6.90
N HIS B 70 7.53 7.28 -5.88
CA HIS B 70 8.98 7.15 -5.93
C HIS B 70 9.33 5.91 -6.75
N ILE B 71 9.73 6.13 -8.00
CA ILE B 71 9.88 5.04 -8.95
C ILE B 71 11.05 4.13 -8.58
N GLU B 72 12.19 4.72 -8.18
CA GLU B 72 13.36 3.90 -7.91
C GLU B 72 13.17 3.03 -6.67
N VAL B 73 12.40 3.51 -5.69
CA VAL B 73 12.07 2.68 -4.53
C VAL B 73 11.17 1.53 -4.95
N VAL B 74 10.18 1.79 -5.81
CA VAL B 74 9.30 0.73 -6.29
C VAL B 74 10.10 -0.29 -7.09
N LYS B 75 11.02 0.16 -7.94
CA LYS B 75 11.87 -0.77 -8.69
C LYS B 75 12.78 -1.56 -7.76
N PHE B 76 13.24 -0.95 -6.66
CA PHE B 76 14.09 -1.69 -5.74
C PHE B 76 13.31 -2.75 -4.99
N LEU B 77 12.08 -2.45 -4.59
CA LEU B 77 11.24 -3.45 -3.93
C LEU B 77 10.76 -4.53 -4.89
N ILE B 78 10.74 -4.24 -6.20
CA ILE B 78 10.27 -5.21 -7.18
C ILE B 78 11.40 -6.08 -7.70
N GLU B 79 12.49 -5.47 -8.17
CA GLU B 79 13.54 -6.21 -8.85
C GLU B 79 14.52 -6.84 -7.87
N ALA B 80 14.85 -6.14 -6.78
CA ALA B 80 15.85 -6.65 -5.85
C ALA B 80 15.24 -7.48 -4.72
N CYS B 81 14.13 -7.02 -4.14
CA CYS B 81 13.55 -7.69 -2.99
C CYS B 81 12.45 -8.67 -3.34
N LYS B 82 11.94 -8.64 -4.57
CA LYS B 82 10.89 -9.56 -5.02
C LYS B 82 9.66 -9.49 -4.11
N VAL B 83 9.25 -8.27 -3.79
CA VAL B 83 8.13 -8.06 -2.87
C VAL B 83 6.83 -8.48 -3.52
N ASN B 84 5.95 -9.10 -2.74
CA ASN B 84 4.64 -9.51 -3.23
C ASN B 84 3.77 -8.28 -3.48
N PRO B 85 3.29 -8.05 -4.70
CA PRO B 85 2.52 -6.84 -5.00
C PRO B 85 1.03 -6.94 -4.73
N PHE B 86 0.54 -8.09 -4.24
CA PHE B 86 -0.88 -8.29 -4.03
C PHE B 86 -1.30 -8.13 -2.58
N ALA B 87 -0.38 -7.68 -1.71
CA ALA B 87 -0.74 -7.43 -0.31
C ALA B 87 -1.76 -6.30 -0.23
N LYS B 88 -2.76 -6.49 0.63
CA LYS B 88 -3.86 -5.55 0.76
C LYS B 88 -3.85 -4.90 2.14
N ASP B 89 -4.03 -3.58 2.16
CA ASP B 89 -3.99 -2.84 3.41
C ASP B 89 -5.34 -2.90 4.13
N ARG B 90 -5.56 -1.99 5.08
CA ARG B 90 -6.77 -2.01 5.88
C ARG B 90 -8.01 -1.76 5.03
N TRP B 91 -7.89 -0.94 3.98
CA TRP B 91 -9.00 -0.62 3.12
C TRP B 91 -9.11 -1.53 1.91
N GLY B 92 -8.40 -2.66 1.91
CA GLY B 92 -8.48 -3.61 0.83
C GLY B 92 -7.76 -3.21 -0.45
N ASN B 93 -6.79 -2.30 -0.37
CA ASN B 93 -6.09 -1.81 -1.54
C ASN B 93 -4.71 -2.43 -1.63
N ILE B 94 -4.30 -2.74 -2.87
CA ILE B 94 -2.94 -3.19 -3.14
C ILE B 94 -2.13 -1.96 -3.53
N PRO B 95 -0.79 -2.04 -3.57
CA PRO B 95 -0.01 -0.85 -3.92
C PRO B 95 -0.40 -0.21 -5.24
N LEU B 96 -0.84 -0.99 -6.22
CA LEU B 96 -1.25 -0.41 -7.50
C LEU B 96 -2.42 0.54 -7.34
N ASP B 97 -3.33 0.24 -6.41
CA ASP B 97 -4.48 1.11 -6.19
C ASP B 97 -4.05 2.49 -5.70
N ASP B 98 -3.08 2.55 -4.79
CA ASP B 98 -2.60 3.84 -4.30
C ASP B 98 -1.89 4.63 -5.41
N ALA B 99 -1.07 3.95 -6.21
CA ALA B 99 -0.46 4.59 -7.36
C ALA B 99 -1.51 5.09 -8.37
N VAL B 100 -2.59 4.33 -8.52
CA VAL B 100 -3.70 4.78 -9.36
C VAL B 100 -4.42 5.96 -8.73
N GLN B 101 -4.70 5.87 -7.43
CA GLN B 101 -5.46 6.91 -6.73
C GLN B 101 -4.77 8.28 -6.82
N PHE B 102 -3.44 8.31 -6.86
CA PHE B 102 -2.69 9.55 -6.85
C PHE B 102 -1.92 9.80 -8.13
N ASN B 103 -2.34 9.16 -9.23
CA ASN B 103 -1.94 9.56 -10.59
C ASN B 103 -0.43 9.42 -10.81
N HIS B 104 0.12 8.29 -10.37
CA HIS B 104 1.53 7.96 -10.63
C HIS B 104 1.54 6.91 -11.74
N LEU B 105 1.56 7.38 -12.99
CA LEU B 105 1.36 6.49 -14.13
C LEU B 105 2.54 5.53 -14.32
N GLU B 106 3.77 6.03 -14.17
CA GLU B 106 4.93 5.16 -14.35
C GLU B 106 4.98 4.07 -13.27
N VAL B 107 4.46 4.37 -12.07
CA VAL B 107 4.42 3.36 -11.02
C VAL B 107 3.32 2.33 -11.31
N VAL B 108 2.17 2.80 -11.80
CA VAL B 108 1.10 1.88 -12.17
C VAL B 108 1.56 0.93 -13.28
N LYS B 109 2.24 1.47 -14.29
CA LYS B 109 2.75 0.62 -15.38
C LYS B 109 3.74 -0.40 -14.85
N LEU B 110 4.61 0.03 -13.92
CA LEU B 110 5.60 -0.88 -13.35
C LEU B 110 4.95 -2.01 -12.58
N LEU B 111 4.00 -1.67 -11.69
CA LEU B 111 3.34 -2.70 -10.88
C LEU B 111 2.45 -3.57 -11.75
N GLN B 112 1.81 -3.00 -12.75
CA GLN B 112 0.93 -3.78 -13.62
C GLN B 112 1.71 -4.86 -14.37
N ASP B 113 2.84 -4.49 -14.97
CA ASP B 113 3.68 -5.49 -15.62
C ASP B 113 4.21 -6.51 -14.62
N TYR B 114 4.50 -6.06 -13.40
CA TYR B 114 5.01 -6.97 -12.38
C TYR B 114 3.91 -7.91 -11.89
N GLN B 115 2.70 -7.39 -11.68
CA GLN B 115 1.60 -8.23 -11.23
C GLN B 115 1.20 -9.27 -12.27
N ASP B 116 1.40 -8.96 -13.56
CA ASP B 116 0.95 -9.87 -14.61
C ASP B 116 1.78 -11.15 -14.64
N SER B 117 3.10 -11.04 -14.48
CA SER B 117 3.99 -12.19 -14.56
C SER B 117 4.52 -12.62 -13.19
N TYR B 118 3.88 -12.17 -12.12
CA TYR B 118 4.33 -12.49 -10.77
C TYR B 118 4.19 -13.98 -10.47
N THR C 25 9.64 7.79 17.61
CA THR C 25 8.59 7.71 18.61
C THR C 25 7.20 7.60 17.99
N VAL C 26 7.08 8.06 16.74
CA VAL C 26 5.79 8.03 16.07
C VAL C 26 5.32 6.61 15.78
N VAL C 27 6.23 5.64 15.78
CA VAL C 27 5.83 4.25 15.59
C VAL C 27 5.21 3.70 16.87
N ASN C 28 5.78 4.04 18.03
CA ASN C 28 5.22 3.59 19.30
C ASN C 28 3.87 4.23 19.56
N LEU C 29 3.72 5.51 19.20
CA LEU C 29 2.47 6.21 19.46
C LEU C 29 1.32 5.59 18.67
N LEU C 30 1.53 5.30 17.38
CA LEU C 30 0.44 4.81 16.55
C LEU C 30 0.26 3.30 16.70
N PHE C 31 1.31 2.56 17.02
CA PHE C 31 1.13 1.13 17.31
C PHE C 31 0.45 0.92 18.65
N ALA C 32 0.67 1.83 19.61
CA ALA C 32 -0.07 1.75 20.87
C ALA C 32 -1.53 2.07 20.66
N ALA C 33 -1.83 3.03 19.77
CA ALA C 33 -3.22 3.33 19.45
C ALA C 33 -3.88 2.15 18.74
N TYR C 34 -3.14 1.46 17.86
CA TYR C 34 -3.69 0.32 17.16
C TYR C 34 -4.11 -0.79 18.12
N SER C 35 -3.30 -1.04 19.15
CA SER C 35 -3.52 -2.15 20.05
C SER C 35 -4.35 -1.77 21.27
N GLY C 36 -4.89 -0.56 21.31
CA GLY C 36 -5.68 -0.13 22.44
C GLY C 36 -4.88 0.04 23.70
N ASP C 37 -3.58 0.32 23.59
CA ASP C 37 -2.67 0.39 24.74
C ASP C 37 -2.78 1.77 25.37
N VAL C 38 -3.80 1.94 26.20
CA VAL C 38 -4.00 3.23 26.89
C VAL C 38 -2.85 3.50 27.86
N SER C 39 -2.28 2.46 28.46
CA SER C 39 -1.19 2.66 29.40
C SER C 39 0.04 3.25 28.72
N ALA C 40 0.37 2.76 27.53
CA ALA C 40 1.52 3.31 26.81
C ALA C 40 1.28 4.76 26.41
N LEU C 41 0.03 5.10 26.07
CA LEU C 41 -0.27 6.48 25.67
C LEU C 41 -0.15 7.43 26.86
N ARG C 42 -0.59 7.00 28.04
CA ARG C 42 -0.44 7.83 29.23
C ARG C 42 1.01 8.11 29.53
N ARG C 43 1.90 7.16 29.21
CA ARG C 43 3.32 7.39 29.40
C ARG C 43 3.87 8.35 28.36
N PHE C 44 3.40 8.24 27.11
CA PHE C 44 3.84 9.18 26.07
C PHE C 44 3.32 10.57 26.35
N ALA C 45 2.08 10.69 26.83
CA ALA C 45 1.50 12.01 27.08
C ALA C 45 2.24 12.75 28.19
N LEU C 46 2.58 12.05 29.27
CA LEU C 46 3.32 12.69 30.35
C LEU C 46 4.73 13.08 29.91
N SER C 47 5.34 12.30 29.02
CA SER C 47 6.66 12.57 28.47
C SER C 47 6.68 13.74 27.49
N ALA C 48 5.58 14.48 27.38
CA ALA C 48 5.49 15.67 26.53
C ALA C 48 5.71 15.33 25.06
N MET C 49 5.31 14.13 24.64
CA MET C 49 5.39 13.75 23.24
C MET C 49 4.27 14.42 22.45
N ASP C 50 4.59 14.82 21.22
CA ASP C 50 3.60 15.40 20.32
C ASP C 50 2.59 14.32 19.94
N MET C 51 1.44 14.31 20.62
CA MET C 51 0.44 13.28 20.37
C MET C 51 -0.25 13.45 19.02
N GLU C 52 -0.09 14.60 18.36
CA GLU C 52 -0.71 14.86 17.07
C GLU C 52 0.22 14.57 15.90
N GLN C 53 1.35 13.90 16.15
CA GLN C 53 2.27 13.56 15.08
C GLN C 53 1.57 12.70 14.03
N LYS C 54 2.03 12.81 12.79
CA LYS C 54 1.50 12.03 11.68
C LYS C 54 2.61 11.21 11.06
N ASP C 55 2.23 10.11 10.43
CA ASP C 55 3.19 9.19 9.84
C ASP C 55 3.29 9.42 8.33
N TYR C 56 3.84 8.44 7.61
CA TYR C 56 4.04 8.56 6.17
C TYR C 56 2.74 8.65 5.39
N ASP C 57 1.61 8.22 5.96
CA ASP C 57 0.31 8.40 5.35
C ASP C 57 -0.45 9.58 5.95
N SER C 58 0.26 10.49 6.62
CA SER C 58 -0.33 11.64 7.30
C SER C 58 -1.44 11.22 8.26
N ARG C 59 -1.30 10.04 8.84
CA ARG C 59 -2.26 9.51 9.81
C ARG C 59 -1.71 9.68 11.22
N THR C 60 -2.59 10.04 12.15
CA THR C 60 -2.22 10.29 13.54
C THR C 60 -2.64 9.11 14.41
N ALA C 61 -2.45 9.26 15.73
CA ALA C 61 -2.89 8.23 16.65
C ALA C 61 -4.41 8.15 16.71
N LEU C 62 -5.10 9.29 16.59
CA LEU C 62 -6.55 9.27 16.57
C LEU C 62 -7.10 8.58 15.32
N HIS C 63 -6.39 8.69 14.20
CA HIS C 63 -6.82 8.02 12.97
C HIS C 63 -6.82 6.51 13.15
N VAL C 64 -5.73 5.96 13.70
CA VAL C 64 -5.59 4.52 13.83
C VAL C 64 -6.55 3.99 14.89
N ALA C 65 -6.69 4.72 16.00
CA ALA C 65 -7.60 4.29 17.06
C ALA C 65 -9.05 4.29 16.59
N ALA C 66 -9.45 5.30 15.83
CA ALA C 66 -10.82 5.36 15.33
C ALA C 66 -11.08 4.23 14.33
N ALA C 67 -10.11 3.94 13.46
CA ALA C 67 -10.28 2.88 12.48
C ALA C 67 -10.36 1.51 13.15
N GLU C 68 -9.80 1.37 14.35
CA GLU C 68 -9.87 0.11 15.08
C GLU C 68 -11.05 0.04 16.03
N GLY C 69 -11.60 1.17 16.44
CA GLY C 69 -12.73 1.18 17.34
C GLY C 69 -12.40 1.13 18.81
N HIS C 70 -11.17 1.46 19.19
CA HIS C 70 -10.76 1.40 20.60
C HIS C 70 -11.27 2.66 21.30
N ILE C 71 -12.35 2.50 22.07
CA ILE C 71 -13.03 3.64 22.69
C ILE C 71 -12.13 4.32 23.71
N GLU C 72 -11.52 3.53 24.60
CA GLU C 72 -10.75 4.11 25.70
C GLU C 72 -9.55 4.91 25.18
N VAL C 73 -8.95 4.47 24.07
CA VAL C 73 -7.87 5.24 23.47
C VAL C 73 -8.40 6.54 22.89
N VAL C 74 -9.55 6.49 22.20
CA VAL C 74 -10.16 7.70 21.66
C VAL C 74 -10.53 8.66 22.79
N LYS C 75 -11.15 8.14 23.85
CA LYS C 75 -11.48 8.95 25.01
C LYS C 75 -10.23 9.66 25.56
N PHE C 76 -9.13 8.92 25.70
CA PHE C 76 -7.91 9.51 26.25
C PHE C 76 -7.35 10.60 25.33
N LEU C 77 -7.24 10.30 24.03
CA LEU C 77 -6.74 11.30 23.10
C LEU C 77 -7.65 12.51 23.01
N ILE C 78 -8.95 12.33 23.24
CA ILE C 78 -9.90 13.43 23.15
C ILE C 78 -9.92 14.24 24.44
N GLU C 79 -10.12 13.57 25.57
CA GLU C 79 -10.35 14.27 26.83
C GLU C 79 -9.04 14.72 27.47
N ALA C 80 -8.07 13.81 27.56
CA ALA C 80 -6.83 14.15 28.25
C ALA C 80 -5.88 14.94 27.36
N CYS C 81 -5.72 14.54 26.11
CA CYS C 81 -4.71 15.14 25.24
C CYS C 81 -5.26 16.28 24.39
N LYS C 82 -6.57 16.36 24.18
CA LYS C 82 -7.20 17.46 23.45
C LYS C 82 -6.62 17.61 22.05
N VAL C 83 -6.47 16.48 21.35
CA VAL C 83 -5.94 16.52 19.99
C VAL C 83 -6.95 17.17 19.05
N ASN C 84 -6.47 17.57 17.88
CA ASN C 84 -7.32 18.18 16.86
C ASN C 84 -8.04 17.09 16.08
N PRO C 85 -9.38 17.08 16.06
CA PRO C 85 -10.10 16.00 15.36
C PRO C 85 -10.24 16.22 13.86
N PHE C 86 -9.87 17.40 13.34
CA PHE C 86 -10.05 17.71 11.94
C PHE C 86 -8.78 17.48 11.12
N ALA C 87 -7.82 16.75 11.67
CA ALA C 87 -6.60 16.45 10.93
C ALA C 87 -6.92 15.53 9.75
N LYS C 88 -6.51 15.93 8.56
CA LYS C 88 -6.73 15.15 7.36
C LYS C 88 -5.53 14.27 7.06
N ASP C 89 -5.79 13.04 6.62
CA ASP C 89 -4.73 12.12 6.27
C ASP C 89 -4.43 12.22 4.77
N ARG C 90 -3.66 11.27 4.24
CA ARG C 90 -3.27 11.32 2.83
C ARG C 90 -4.48 11.28 1.92
N TRP C 91 -5.51 10.51 2.28
CA TRP C 91 -6.72 10.39 1.49
C TRP C 91 -7.75 11.46 1.82
N GLY C 92 -7.36 12.50 2.56
CA GLY C 92 -8.30 13.55 2.92
C GLY C 92 -9.30 13.17 3.99
N ASN C 93 -9.02 12.12 4.76
CA ASN C 93 -9.96 11.64 5.77
C ASN C 93 -9.54 12.10 7.15
N ILE C 94 -10.53 12.48 7.96
CA ILE C 94 -10.32 12.80 9.37
C ILE C 94 -10.58 11.53 10.17
N PRO C 95 -10.20 11.46 11.45
CA PRO C 95 -10.46 10.23 12.22
C PRO C 95 -11.92 9.77 12.19
N LEU C 96 -12.87 10.70 12.21
CA LEU C 96 -14.28 10.31 12.16
C LEU C 96 -14.60 9.53 10.89
N ASP C 97 -13.96 9.88 9.77
CA ASP C 97 -14.22 9.18 8.52
C ASP C 97 -13.79 7.72 8.59
N ASP C 98 -12.72 7.43 9.33
CA ASP C 98 -12.28 6.04 9.47
C ASP C 98 -13.20 5.26 10.38
N ALA C 99 -13.64 5.87 11.49
CA ALA C 99 -14.60 5.22 12.37
C ALA C 99 -15.92 4.97 11.66
N VAL C 100 -16.33 5.88 10.77
CA VAL C 100 -17.55 5.67 10.00
C VAL C 100 -17.36 4.55 9.00
N GLN C 101 -16.22 4.53 8.31
CA GLN C 101 -15.99 3.52 7.28
C GLN C 101 -16.01 2.11 7.83
N PHE C 102 -15.58 1.93 9.08
CA PHE C 102 -15.49 0.59 9.68
C PHE C 102 -16.52 0.38 10.79
N ASN C 103 -17.58 1.19 10.80
CA ASN C 103 -18.80 0.91 11.55
C ASN C 103 -18.56 0.83 13.05
N HIS C 104 -17.71 1.73 13.56
CA HIS C 104 -17.50 1.87 15.00
C HIS C 104 -18.37 3.01 15.48
N LEU C 105 -19.66 2.71 15.66
CA LEU C 105 -20.68 3.73 15.87
C LEU C 105 -20.41 4.55 17.12
N GLU C 106 -20.06 3.87 18.22
CA GLU C 106 -19.84 4.57 19.48
C GLU C 106 -18.62 5.47 19.42
N VAL C 107 -17.63 5.15 18.57
CA VAL C 107 -16.51 6.04 18.37
C VAL C 107 -16.92 7.23 17.50
N VAL C 108 -17.77 6.98 16.50
CA VAL C 108 -18.33 8.08 15.72
C VAL C 108 -19.09 9.05 16.62
N LYS C 109 -19.79 8.52 17.62
CA LYS C 109 -20.53 9.38 18.53
C LYS C 109 -19.60 10.25 19.36
N LEU C 110 -18.51 9.68 19.87
CA LEU C 110 -17.57 10.45 20.68
C LEU C 110 -16.89 11.52 19.83
N LEU C 111 -16.47 11.18 18.63
CA LEU C 111 -15.80 12.15 17.76
C LEU C 111 -16.77 13.23 17.28
N GLN C 112 -18.04 12.89 17.12
CA GLN C 112 -19.03 13.87 16.66
C GLN C 112 -19.28 14.93 17.74
N ASP C 113 -19.50 14.50 18.98
CA ASP C 113 -19.71 15.46 20.07
C ASP C 113 -18.46 16.30 20.32
N TYR C 114 -17.28 15.70 20.13
CA TYR C 114 -16.04 16.44 20.34
C TYR C 114 -15.83 17.50 19.27
N GLN C 115 -16.16 17.18 18.02
CA GLN C 115 -16.01 18.15 16.94
C GLN C 115 -17.02 19.29 17.05
N ASP C 116 -18.22 19.00 17.57
CA ASP C 116 -19.26 20.02 17.62
C ASP C 116 -18.87 21.18 18.53
N SER C 117 -18.15 20.89 19.62
CA SER C 117 -17.78 21.90 20.60
C SER C 117 -16.30 22.25 20.57
N TYR C 118 -15.56 21.76 19.58
CA TYR C 118 -14.12 22.02 19.49
C TYR C 118 -13.85 23.50 19.24
N THR D 25 16.50 22.01 15.61
CA THR D 25 15.62 21.83 14.45
C THR D 25 16.20 22.51 13.22
N VAL D 26 16.88 23.64 13.43
CA VAL D 26 17.61 24.26 12.33
C VAL D 26 18.78 23.39 11.92
N VAL D 27 19.29 22.56 12.84
CA VAL D 27 20.45 21.72 12.53
C VAL D 27 20.10 20.70 11.46
N ASN D 28 19.00 19.97 11.65
CA ASN D 28 18.68 18.88 10.73
C ASN D 28 18.29 19.42 9.36
N LEU D 29 17.60 20.55 9.31
CA LEU D 29 17.08 21.06 8.05
C LEU D 29 18.21 21.55 7.16
N LEU D 30 19.05 22.45 7.69
CA LEU D 30 20.11 23.04 6.88
C LEU D 30 21.24 22.06 6.61
N PHE D 31 21.52 21.14 7.54
CA PHE D 31 22.50 20.09 7.27
C PHE D 31 22.01 19.15 6.19
N ALA D 32 20.69 18.88 6.13
CA ALA D 32 20.16 18.04 5.07
C ALA D 32 20.23 18.77 3.72
N ALA D 33 19.97 20.07 3.72
CA ALA D 33 20.13 20.86 2.50
C ALA D 33 21.58 20.91 2.07
N TYR D 34 22.50 21.03 3.03
CA TYR D 34 23.92 21.06 2.70
C TYR D 34 24.36 19.77 2.03
N SER D 35 23.91 18.63 2.56
CA SER D 35 24.34 17.33 2.07
C SER D 35 23.50 16.82 0.91
N GLY D 36 22.56 17.63 0.40
CA GLY D 36 21.73 17.19 -0.70
C GLY D 36 20.76 16.09 -0.34
N ASP D 37 20.33 16.03 0.91
CA ASP D 37 19.48 14.94 1.40
C ASP D 37 18.01 15.33 1.22
N VAL D 38 17.48 15.06 0.02
CA VAL D 38 16.07 15.32 -0.23
C VAL D 38 15.19 14.42 0.64
N SER D 39 15.61 13.17 0.81
CA SER D 39 14.82 12.23 1.61
C SER D 39 14.61 12.74 3.03
N ALA D 40 15.65 13.34 3.62
CA ALA D 40 15.51 13.89 4.97
C ALA D 40 14.58 15.10 4.97
N LEU D 41 14.64 15.92 3.92
CA LEU D 41 13.75 17.07 3.85
C LEU D 41 12.30 16.65 3.69
N ARG D 42 12.04 15.55 2.97
CA ARG D 42 10.67 15.06 2.85
C ARG D 42 10.13 14.64 4.21
N ARG D 43 10.98 14.04 5.05
CA ARG D 43 10.53 13.66 6.39
C ARG D 43 10.29 14.90 7.24
N PHE D 44 11.12 15.92 7.10
CA PHE D 44 10.96 17.13 7.90
C PHE D 44 9.71 17.91 7.48
N ALA D 45 9.43 17.95 6.17
CA ALA D 45 8.23 18.62 5.71
C ALA D 45 6.96 17.87 6.15
N LEU D 46 7.05 16.54 6.27
CA LEU D 46 5.91 15.76 6.75
C LEU D 46 5.66 15.99 8.24
N SER D 47 6.68 16.38 9.00
CA SER D 47 6.54 16.64 10.42
C SER D 47 6.08 18.06 10.72
N ALA D 48 5.60 18.79 9.71
CA ALA D 48 5.09 20.15 9.88
C ALA D 48 6.15 21.10 10.45
N MET D 49 7.41 20.88 10.10
CA MET D 49 8.47 21.81 10.46
C MET D 49 8.46 23.00 9.50
N ASP D 50 8.81 24.17 10.02
CA ASP D 50 8.89 25.36 9.19
C ASP D 50 10.12 25.25 8.29
N MET D 51 9.89 25.08 6.99
CA MET D 51 10.99 24.97 6.04
C MET D 51 11.63 26.31 5.72
N GLU D 52 10.95 27.42 6.02
CA GLU D 52 11.52 28.74 5.85
C GLU D 52 12.31 29.19 7.07
N GLN D 53 12.57 28.28 8.00
CA GLN D 53 13.25 28.63 9.24
C GLN D 53 14.70 29.01 8.98
N LYS D 54 15.17 30.04 9.68
CA LYS D 54 16.51 30.57 9.51
C LYS D 54 17.37 30.27 10.73
N ASP D 55 18.68 30.37 10.54
CA ASP D 55 19.64 30.08 11.59
C ASP D 55 20.26 31.37 12.11
N TYR D 56 21.37 31.24 12.85
CA TYR D 56 22.01 32.40 13.47
C TYR D 56 22.48 33.42 12.44
N ASP D 57 22.83 32.96 11.24
CA ASP D 57 23.21 33.86 10.15
C ASP D 57 22.03 34.26 9.29
N SER D 58 20.81 34.03 9.76
CA SER D 58 19.57 34.28 9.01
C SER D 58 19.55 33.51 7.69
N ARG D 59 20.17 32.34 7.67
CA ARG D 59 20.24 31.50 6.48
C ARG D 59 19.16 30.42 6.55
N THR D 60 18.48 30.20 5.43
CA THR D 60 17.50 29.14 5.28
C THR D 60 18.13 27.92 4.61
N ALA D 61 17.35 26.86 4.51
CA ALA D 61 17.79 25.67 3.79
C ALA D 61 17.96 25.95 2.30
N LEU D 62 17.10 26.81 1.74
CA LEU D 62 17.27 27.19 0.35
C LEU D 62 18.56 27.97 0.12
N HIS D 63 18.99 28.77 1.11
CA HIS D 63 20.27 29.46 1.03
C HIS D 63 21.42 28.47 0.89
N VAL D 64 21.48 27.49 1.80
CA VAL D 64 22.59 26.53 1.80
C VAL D 64 22.56 25.67 0.55
N ALA D 65 21.37 25.21 0.15
CA ALA D 65 21.26 24.34 -1.01
C ALA D 65 21.63 25.08 -2.29
N ALA D 66 21.22 26.33 -2.42
CA ALA D 66 21.59 27.13 -3.58
C ALA D 66 23.10 27.37 -3.62
N ALA D 67 23.72 27.57 -2.45
CA ALA D 67 25.17 27.78 -2.40
C ALA D 67 25.93 26.52 -2.77
N GLU D 68 25.41 25.35 -2.36
CA GLU D 68 26.04 24.09 -2.73
C GLU D 68 25.68 23.64 -4.14
N GLY D 69 24.61 24.20 -4.71
CA GLY D 69 24.20 23.81 -6.05
C GLY D 69 23.43 22.52 -6.14
N HIS D 70 22.79 22.09 -5.06
CA HIS D 70 22.03 20.84 -5.03
C HIS D 70 20.67 21.08 -5.68
N ILE D 71 20.55 20.70 -6.95
CA ILE D 71 19.37 21.07 -7.73
C ILE D 71 18.13 20.37 -7.20
N GLU D 72 18.23 19.06 -6.92
CA GLU D 72 17.06 18.32 -6.45
C GLU D 72 16.56 18.84 -5.11
N VAL D 73 17.45 19.39 -4.28
CA VAL D 73 17.02 19.98 -3.02
C VAL D 73 16.33 21.31 -3.26
N VAL D 74 16.86 22.12 -4.19
CA VAL D 74 16.21 23.38 -4.55
C VAL D 74 14.82 23.12 -5.13
N LYS D 75 14.71 22.14 -6.02
CA LYS D 75 13.41 21.82 -6.61
C LYS D 75 12.40 21.44 -5.54
N PHE D 76 12.81 20.66 -4.55
CA PHE D 76 11.88 20.23 -3.51
C PHE D 76 11.39 21.41 -2.68
N LEU D 77 12.31 22.27 -2.24
CA LEU D 77 11.91 23.44 -1.47
C LEU D 77 11.10 24.42 -2.29
N ILE D 78 11.39 24.52 -3.59
CA ILE D 78 10.69 25.46 -4.45
C ILE D 78 9.29 24.94 -4.78
N GLU D 79 9.19 23.69 -5.22
CA GLU D 79 7.93 23.15 -5.70
C GLU D 79 7.05 22.58 -4.60
N ALA D 80 7.59 21.66 -3.79
CA ALA D 80 6.76 21.00 -2.79
C ALA D 80 6.46 21.91 -1.60
N CYS D 81 7.44 22.67 -1.14
CA CYS D 81 7.32 23.46 0.07
C CYS D 81 6.92 24.90 -0.17
N LYS D 82 6.86 25.34 -1.43
CA LYS D 82 6.62 26.74 -1.82
C LYS D 82 7.27 27.73 -0.85
N VAL D 83 8.58 27.52 -0.64
CA VAL D 83 9.36 28.37 0.24
C VAL D 83 9.50 29.76 -0.36
N ASN D 84 9.47 30.78 0.51
CA ASN D 84 9.70 32.16 0.07
C ASN D 84 11.14 32.32 -0.41
N PRO D 85 11.37 32.71 -1.66
CA PRO D 85 12.74 32.82 -2.19
C PRO D 85 13.39 34.19 -1.99
N PHE D 86 12.72 35.14 -1.36
CA PHE D 86 13.25 36.49 -1.17
C PHE D 86 13.81 36.70 0.23
N ALA D 87 13.94 35.64 1.02
CA ALA D 87 14.48 35.79 2.37
C ALA D 87 15.92 36.26 2.31
N LYS D 88 16.21 37.32 3.06
CA LYS D 88 17.56 37.87 3.14
C LYS D 88 18.31 37.26 4.31
N ASP D 89 19.57 36.89 4.08
CA ASP D 89 20.41 36.44 5.19
C ASP D 89 21.03 37.64 5.88
N ARG D 90 22.06 37.41 6.70
CA ARG D 90 22.65 38.50 7.45
C ARG D 90 23.32 39.52 6.52
N TRP D 91 23.88 39.06 5.40
CA TRP D 91 24.51 39.95 4.44
C TRP D 91 23.53 40.52 3.43
N GLY D 92 22.23 40.27 3.60
CA GLY D 92 21.23 40.80 2.70
C GLY D 92 21.10 40.06 1.38
N ASN D 93 21.56 38.81 1.32
CA ASN D 93 21.53 38.02 0.10
C ASN D 93 20.38 37.03 0.12
N ILE D 94 19.77 36.82 -1.04
CA ILE D 94 18.73 35.80 -1.21
C ILE D 94 19.42 34.54 -1.72
N PRO D 95 18.75 33.38 -1.74
CA PRO D 95 19.41 32.17 -2.24
C PRO D 95 19.96 32.31 -3.66
N LEU D 96 19.32 33.11 -4.52
CA LEU D 96 19.83 33.25 -5.89
C LEU D 96 21.19 33.94 -5.89
N ASP D 97 21.40 34.89 -4.97
CA ASP D 97 22.69 35.57 -4.90
C ASP D 97 23.82 34.60 -4.61
N ASP D 98 23.58 33.61 -3.74
CA ASP D 98 24.58 32.58 -3.50
C ASP D 98 24.77 31.69 -4.73
N ALA D 99 23.66 31.29 -5.37
CA ALA D 99 23.78 30.47 -6.57
C ALA D 99 24.51 31.22 -7.68
N VAL D 100 24.30 32.53 -7.77
CA VAL D 100 25.06 33.35 -8.72
C VAL D 100 26.53 33.41 -8.31
N GLN D 101 26.80 33.55 -7.01
CA GLN D 101 28.16 33.72 -6.53
C GLN D 101 29.03 32.50 -6.86
N PHE D 102 28.45 31.30 -6.74
CA PHE D 102 29.21 30.07 -6.93
C PHE D 102 28.89 29.38 -8.25
N ASN D 103 28.30 30.12 -9.20
CA ASN D 103 28.20 29.70 -10.60
C ASN D 103 27.44 28.39 -10.77
N HIS D 104 26.20 28.39 -10.27
CA HIS D 104 25.29 27.25 -10.38
C HIS D 104 24.16 27.67 -11.32
N LEU D 105 24.39 27.51 -12.62
CA LEU D 105 23.49 28.07 -13.64
C LEU D 105 22.10 27.47 -13.53
N GLU D 106 22.01 26.15 -13.40
CA GLU D 106 20.71 25.51 -13.32
C GLU D 106 19.94 25.95 -12.08
N VAL D 107 20.64 26.15 -10.96
CA VAL D 107 19.99 26.63 -9.74
C VAL D 107 19.54 28.07 -9.91
N VAL D 108 20.35 28.90 -10.57
CA VAL D 108 19.96 30.28 -10.81
C VAL D 108 18.69 30.34 -11.65
N LYS D 109 18.63 29.54 -12.71
CA LYS D 109 17.45 29.53 -13.57
C LYS D 109 16.22 29.06 -12.80
N LEU D 110 16.36 27.97 -12.03
CA LEU D 110 15.24 27.46 -11.25
C LEU D 110 14.77 28.48 -10.23
N LEU D 111 15.70 29.28 -9.68
CA LEU D 111 15.31 30.31 -8.73
C LEU D 111 14.80 31.56 -9.41
N GLN D 112 15.35 31.93 -10.57
CA GLN D 112 14.88 33.11 -11.27
C GLN D 112 13.45 32.92 -11.78
N ASP D 113 13.16 31.77 -12.38
CA ASP D 113 11.80 31.49 -12.85
C ASP D 113 10.81 31.47 -11.69
N TYR D 114 11.24 30.94 -10.54
CA TYR D 114 10.34 30.85 -9.40
C TYR D 114 10.08 32.23 -8.79
N GLN D 115 11.09 33.10 -8.77
CA GLN D 115 10.90 34.43 -8.21
C GLN D 115 9.97 35.28 -9.06
N ASP D 116 9.92 35.02 -10.37
CA ASP D 116 9.06 35.81 -11.25
C ASP D 116 7.58 35.50 -10.99
N SER D 117 7.25 34.23 -10.80
CA SER D 117 5.87 33.80 -10.61
C SER D 117 5.44 33.80 -9.15
N TYR D 118 6.26 34.37 -8.26
CA TYR D 118 5.92 34.41 -6.85
C TYR D 118 5.12 35.65 -6.50
N MET E 23 27.55 17.83 15.10
CA MET E 23 26.57 18.44 14.21
C MET E 23 25.53 19.22 15.01
N LYS E 24 24.83 18.51 15.90
CA LYS E 24 23.86 19.17 16.77
C LYS E 24 24.55 20.14 17.72
N THR E 25 25.74 19.79 18.21
CA THR E 25 26.47 20.67 19.12
C THR E 25 27.03 21.89 18.38
N VAL E 26 27.32 21.76 17.08
CA VAL E 26 27.84 22.88 16.32
C VAL E 26 26.82 24.03 16.31
N VAL E 27 25.56 23.71 16.00
CA VAL E 27 24.55 24.75 15.94
C VAL E 27 24.22 25.28 17.33
N ASN E 28 24.25 24.41 18.34
CA ASN E 28 24.09 24.87 19.71
C ASN E 28 25.21 25.82 20.10
N LEU E 29 26.44 25.51 19.69
CA LEU E 29 27.58 26.37 19.98
C LEU E 29 27.43 27.73 19.31
N LEU E 30 27.06 27.73 18.02
CA LEU E 30 26.99 28.99 17.30
C LEU E 30 25.76 29.80 17.65
N PHE E 31 24.68 29.15 18.09
CA PHE E 31 23.53 29.90 18.57
C PHE E 31 23.81 30.57 19.91
N ALA E 32 24.62 29.94 20.76
CA ALA E 32 25.05 30.61 21.98
C ALA E 32 25.89 31.84 21.67
N ALA E 33 26.79 31.73 20.69
CA ALA E 33 27.56 32.89 20.25
C ALA E 33 26.66 33.97 19.66
N TYR E 34 25.60 33.56 18.96
CA TYR E 34 24.67 34.53 18.40
C TYR E 34 23.88 35.24 19.49
N SER E 35 23.53 34.51 20.57
CA SER E 35 22.77 35.08 21.67
C SER E 35 23.61 35.94 22.59
N GLY E 36 24.93 35.89 22.48
CA GLY E 36 25.79 36.56 23.45
C GLY E 36 25.90 35.84 24.76
N ASP E 37 25.55 34.55 24.81
CA ASP E 37 25.56 33.77 26.04
C ASP E 37 26.97 33.24 26.27
N VAL E 38 27.80 34.05 26.94
CA VAL E 38 29.17 33.64 27.25
C VAL E 38 29.16 32.46 28.22
N SER E 39 28.14 32.38 29.08
CA SER E 39 28.07 31.27 30.03
C SER E 39 27.89 29.94 29.31
N ALA E 40 27.05 29.91 28.27
CA ALA E 40 26.81 28.67 27.54
C ALA E 40 28.08 28.22 26.80
N LEU E 41 28.81 29.17 26.20
CA LEU E 41 30.07 28.81 25.56
C LEU E 41 31.07 28.27 26.57
N ARG E 42 31.09 28.85 27.76
CA ARG E 42 32.03 28.39 28.79
C ARG E 42 31.77 26.94 29.16
N ARG E 43 30.50 26.57 29.31
CA ARG E 43 30.17 25.18 29.59
C ARG E 43 30.56 24.26 28.44
N PHE E 44 30.45 24.74 27.20
CA PHE E 44 30.88 23.95 26.06
C PHE E 44 32.40 23.80 26.06
N ALA E 45 33.13 24.88 26.37
CA ALA E 45 34.59 24.80 26.39
C ALA E 45 35.08 23.88 27.50
N LEU E 46 34.47 23.98 28.69
CA LEU E 46 34.87 23.12 29.81
C LEU E 46 34.58 21.65 29.55
N SER E 47 33.72 21.34 28.57
CA SER E 47 33.38 19.97 28.23
C SER E 47 34.38 19.35 27.25
N ALA E 48 35.52 19.99 27.02
CA ALA E 48 36.53 19.51 26.08
C ALA E 48 35.95 19.37 24.68
N MET E 49 35.31 20.43 24.21
CA MET E 49 34.68 20.47 22.90
C MET E 49 35.48 21.34 21.95
N ASP E 50 35.68 20.86 20.73
CA ASP E 50 36.37 21.63 19.70
C ASP E 50 35.61 22.92 19.42
N MET E 51 36.04 24.03 20.03
CA MET E 51 35.40 25.31 19.82
C MET E 51 35.64 25.88 18.42
N GLU E 52 36.39 25.18 17.58
CA GLU E 52 36.66 25.61 16.22
C GLU E 52 35.87 24.84 15.18
N GLN E 53 34.85 24.10 15.60
CA GLN E 53 34.02 23.36 14.65
C GLN E 53 33.26 24.33 13.76
N LYS E 54 33.18 23.99 12.48
CA LYS E 54 32.46 24.81 11.51
C LYS E 54 31.15 24.13 11.11
N ASP E 55 30.22 24.95 10.63
CA ASP E 55 28.89 24.48 10.28
C ASP E 55 28.81 24.21 8.77
N TYR E 56 27.59 24.16 8.24
CA TYR E 56 27.38 23.88 6.82
C TYR E 56 27.91 25.01 5.95
N ASP E 57 27.94 26.24 6.46
CA ASP E 57 28.50 27.37 5.75
C ASP E 57 29.97 27.60 6.10
N SER E 58 30.62 26.60 6.70
CA SER E 58 32.03 26.69 7.13
C SER E 58 32.25 27.85 8.10
N ARG E 59 31.24 28.21 8.88
CA ARG E 59 31.33 29.28 9.85
C ARG E 59 31.56 28.70 11.24
N THR E 60 32.42 29.35 12.00
CA THR E 60 32.73 28.96 13.37
C THR E 60 32.01 29.88 14.35
N ALA E 61 32.18 29.59 15.64
CA ALA E 61 31.57 30.44 16.67
C ALA E 61 32.14 31.84 16.63
N LEU E 62 33.43 31.97 16.34
CA LEU E 62 34.05 33.29 16.25
C LEU E 62 33.49 34.09 15.09
N HIS E 63 33.11 33.43 14.00
CA HIS E 63 32.48 34.13 12.88
C HIS E 63 31.19 34.80 13.31
N VAL E 64 30.28 34.01 13.91
CA VAL E 64 28.99 34.55 14.33
C VAL E 64 29.17 35.63 15.39
N ALA E 65 30.12 35.43 16.30
CA ALA E 65 30.37 36.41 17.34
C ALA E 65 30.83 37.75 16.75
N ALA E 66 31.82 37.70 15.85
CA ALA E 66 32.33 38.92 15.25
C ALA E 66 31.29 39.60 14.37
N ALA E 67 30.49 38.81 13.66
CA ALA E 67 29.45 39.39 12.81
C ALA E 67 28.36 40.03 13.64
N GLU E 68 28.04 39.44 14.79
CA GLU E 68 27.01 40.01 15.65
C GLU E 68 27.49 41.25 16.39
N GLY E 69 28.79 41.35 16.65
CA GLY E 69 29.32 42.42 17.45
C GLY E 69 29.39 42.13 18.94
N HIS E 70 28.99 40.92 19.36
CA HIS E 70 29.08 40.53 20.76
C HIS E 70 30.55 40.56 21.20
N ILE E 71 30.98 41.68 21.76
CA ILE E 71 32.39 41.89 22.04
C ILE E 71 32.88 40.94 23.12
N GLU E 72 32.04 40.68 24.14
CA GLU E 72 32.45 39.78 25.22
C GLU E 72 32.62 38.35 24.73
N VAL E 73 31.81 37.92 23.75
CA VAL E 73 31.95 36.58 23.21
C VAL E 73 33.26 36.44 22.44
N VAL E 74 33.63 37.47 21.68
CA VAL E 74 34.89 37.43 20.94
C VAL E 74 36.07 37.35 21.91
N LYS E 75 35.99 38.08 23.03
CA LYS E 75 37.07 38.04 24.00
C LYS E 75 37.22 36.66 24.61
N PHE E 76 36.10 35.99 24.91
CA PHE E 76 36.17 34.67 25.51
C PHE E 76 36.76 33.65 24.54
N LEU E 77 36.42 33.76 23.25
CA LEU E 77 36.88 32.77 22.30
C LEU E 77 38.36 32.93 21.98
N ILE E 78 38.89 34.15 22.06
CA ILE E 78 40.30 34.36 21.74
C ILE E 78 41.19 34.21 22.95
N GLU E 79 40.71 34.54 24.15
CA GLU E 79 41.52 34.52 25.37
C GLU E 79 41.41 33.21 26.14
N ALA E 80 40.19 32.67 26.29
CA ALA E 80 40.00 31.42 27.02
C ALA E 80 40.18 30.20 26.12
N CYS E 81 39.66 30.24 24.90
CA CYS E 81 39.68 29.07 24.03
C CYS E 81 40.86 29.06 23.07
N LYS E 82 41.38 30.24 22.71
CA LYS E 82 42.52 30.37 21.80
C LYS E 82 42.21 29.77 20.43
N VAL E 83 41.06 30.15 19.88
CA VAL E 83 40.64 29.66 18.57
C VAL E 83 41.45 30.36 17.49
N ASN E 84 41.63 29.68 16.37
CA ASN E 84 42.35 30.24 15.24
C ASN E 84 41.52 31.32 14.57
N PRO E 85 41.99 32.57 14.50
CA PRO E 85 41.21 33.64 13.88
C PRO E 85 41.32 33.70 12.37
N PHE E 86 41.99 32.74 11.74
CA PHE E 86 42.21 32.75 10.30
C PHE E 86 41.40 31.70 9.57
N ALA E 87 40.39 31.14 10.24
CA ALA E 87 39.50 30.19 9.57
C ALA E 87 38.59 30.94 8.60
N LYS E 88 38.56 30.49 7.36
CA LYS E 88 37.75 31.12 6.32
C LYS E 88 36.48 30.34 6.10
N ASP E 89 35.38 31.05 5.84
CA ASP E 89 34.09 30.42 5.67
C ASP E 89 33.85 30.11 4.19
N ARG E 90 32.58 29.95 3.80
CA ARG E 90 32.27 29.60 2.42
C ARG E 90 32.70 30.71 1.46
N TRP E 91 32.57 31.97 1.88
CA TRP E 91 32.91 33.11 1.04
C TRP E 91 34.35 33.58 1.23
N GLY E 92 35.20 32.74 1.82
CA GLY E 92 36.59 33.12 2.04
C GLY E 92 36.80 34.24 3.04
N ASN E 93 35.93 34.36 4.04
CA ASN E 93 35.99 35.43 5.02
C ASN E 93 36.43 34.87 6.37
N ILE E 94 37.37 35.57 7.01
CA ILE E 94 37.75 35.29 8.38
C ILE E 94 36.80 36.07 9.28
N PRO E 95 36.73 35.78 10.59
CA PRO E 95 35.82 36.55 11.45
C PRO E 95 36.06 38.05 11.41
N LEU E 96 37.31 38.48 11.21
CA LEU E 96 37.59 39.91 11.12
C LEU E 96 36.85 40.56 9.96
N ASP E 97 36.71 39.83 8.84
CA ASP E 97 36.01 40.37 7.68
C ASP E 97 34.56 40.71 7.99
N ASP E 98 33.91 39.90 8.84
CA ASP E 98 32.53 40.18 9.19
C ASP E 98 32.41 41.39 10.11
N ALA E 99 33.31 41.49 11.09
CA ALA E 99 33.28 42.65 11.98
C ALA E 99 33.50 43.95 11.20
N VAL E 100 34.40 43.92 10.22
CA VAL E 100 34.60 45.08 9.37
C VAL E 100 33.34 45.37 8.55
N GLN E 101 32.70 44.32 8.05
CA GLN E 101 31.52 44.49 7.20
C GLN E 101 30.39 45.17 7.96
N PHE E 102 30.17 44.80 9.21
CA PHE E 102 29.07 45.31 10.01
C PHE E 102 29.52 46.38 11.00
N ASN E 103 30.76 46.85 10.88
CA ASN E 103 31.25 48.06 11.56
C ASN E 103 31.11 47.93 13.08
N HIS E 104 31.68 46.85 13.61
CA HIS E 104 31.86 46.68 15.05
C HIS E 104 33.31 47.03 15.34
N LEU E 105 33.55 48.32 15.59
CA LEU E 105 34.92 48.85 15.56
C LEU E 105 35.78 48.23 16.65
N GLU E 106 35.21 48.01 17.84
CA GLU E 106 36.01 47.44 18.92
C GLU E 106 36.36 45.98 18.66
N VAL E 107 35.49 45.24 17.98
CA VAL E 107 35.77 43.84 17.65
C VAL E 107 36.89 43.76 16.60
N VAL E 108 36.90 44.72 15.66
CA VAL E 108 37.96 44.75 14.65
C VAL E 108 39.32 44.93 15.32
N LYS E 109 39.42 45.90 16.24
CA LYS E 109 40.68 46.16 16.91
C LYS E 109 41.16 44.95 17.71
N LEU E 110 40.24 44.24 18.36
CA LEU E 110 40.62 43.07 19.15
C LEU E 110 41.11 41.93 18.27
N LEU E 111 40.39 41.67 17.17
CA LEU E 111 40.84 40.63 16.26
C LEU E 111 42.13 41.01 15.55
N GLN E 112 42.35 42.32 15.31
CA GLN E 112 43.62 42.77 14.74
C GLN E 112 44.79 42.38 15.64
N ASP E 113 44.67 42.67 16.95
CA ASP E 113 45.76 42.35 17.86
C ASP E 113 45.96 40.85 18.00
N TYR E 114 44.88 40.08 18.06
CA TYR E 114 45.00 38.64 18.20
C TYR E 114 45.61 38.00 16.95
N GLN E 115 45.31 38.55 15.77
CA GLN E 115 45.93 38.04 14.55
C GLN E 115 47.43 38.34 14.54
N ASP E 116 47.82 39.53 14.99
CA ASP E 116 49.24 39.86 15.08
C ASP E 116 49.94 39.00 16.12
N SER E 117 49.24 38.63 17.19
CA SER E 117 49.85 37.90 18.30
C SER E 117 49.78 36.39 18.14
N TYR E 118 48.95 35.89 17.23
CA TYR E 118 48.73 34.45 17.09
C TYR E 118 50.02 33.71 16.76
N THR F 25 -47.25 11.79 7.18
CA THR F 25 -48.55 11.56 6.57
C THR F 25 -48.50 10.38 5.61
N VAL F 26 -47.29 10.03 5.17
CA VAL F 26 -47.11 8.93 4.24
C VAL F 26 -47.55 7.60 4.86
N VAL F 27 -47.58 7.52 6.19
CA VAL F 27 -47.78 6.28 6.90
C VAL F 27 -48.67 6.51 8.12
N ASN F 28 -48.77 7.77 8.55
CA ASN F 28 -49.84 8.15 9.44
C ASN F 28 -51.17 7.64 8.90
N LEU F 29 -51.30 7.61 7.57
CA LEU F 29 -52.37 6.87 6.90
C LEU F 29 -52.35 5.40 7.30
N LEU F 30 -51.20 4.74 7.12
CA LEU F 30 -51.14 3.29 7.35
C LEU F 30 -51.11 2.93 8.83
N PHE F 31 -50.63 3.83 9.69
CA PHE F 31 -50.72 3.58 11.13
C PHE F 31 -52.15 3.69 11.61
N ALA F 32 -52.96 4.55 10.99
CA ALA F 32 -54.37 4.63 11.34
C ALA F 32 -55.13 3.41 10.83
N ALA F 33 -54.78 2.92 9.63
CA ALA F 33 -55.40 1.71 9.12
C ALA F 33 -55.08 0.51 10.00
N TYR F 34 -53.84 0.42 10.49
CA TYR F 34 -53.46 -0.70 11.34
C TYR F 34 -54.24 -0.68 12.64
N SER F 35 -54.47 0.50 13.21
CA SER F 35 -55.15 0.62 14.49
C SER F 35 -56.66 0.74 14.35
N GLY F 36 -57.21 0.62 13.15
CA GLY F 36 -58.65 0.73 12.97
C GLY F 36 -59.19 2.11 13.23
N ASP F 37 -58.37 3.15 13.05
CA ASP F 37 -58.78 4.53 13.34
C ASP F 37 -59.50 5.10 12.13
N VAL F 38 -60.80 4.79 12.04
CA VAL F 38 -61.62 5.33 10.97
C VAL F 38 -61.70 6.85 11.06
N SER F 39 -61.74 7.37 12.29
CA SER F 39 -61.82 8.82 12.47
C SER F 39 -60.60 9.52 11.89
N ALA F 40 -59.41 8.97 12.12
CA ALA F 40 -58.21 9.56 11.55
C ALA F 40 -58.21 9.49 10.03
N LEU F 41 -58.70 8.39 9.47
CA LEU F 41 -58.74 8.26 8.01
C LEU F 41 -59.70 9.27 7.41
N ARG F 42 -60.82 9.54 8.08
CA ARG F 42 -61.75 10.53 7.57
C ARG F 42 -61.14 11.93 7.60
N ARG F 43 -60.34 12.22 8.62
CA ARG F 43 -59.63 13.50 8.67
C ARG F 43 -58.60 13.60 7.56
N PHE F 44 -57.93 12.48 7.23
CA PHE F 44 -56.91 12.52 6.19
C PHE F 44 -57.53 12.61 4.81
N ALA F 45 -58.66 11.93 4.60
CA ALA F 45 -59.34 12.02 3.32
C ALA F 45 -59.90 13.42 3.07
N LEU F 46 -60.34 14.10 4.14
CA LEU F 46 -60.84 15.46 3.98
C LEU F 46 -59.74 16.41 3.53
N SER F 47 -58.51 16.21 4.03
CA SER F 47 -57.38 17.03 3.59
C SER F 47 -56.89 16.66 2.20
N ALA F 48 -57.57 15.75 1.51
CA ALA F 48 -57.29 15.38 0.12
C ALA F 48 -55.91 14.78 -0.06
N MET F 49 -55.42 14.06 0.94
CA MET F 49 -54.18 13.31 0.77
C MET F 49 -54.47 11.99 0.07
N ASP F 50 -53.50 11.51 -0.69
CA ASP F 50 -53.67 10.31 -1.50
C ASP F 50 -53.86 9.10 -0.59
N MET F 51 -55.07 8.53 -0.57
CA MET F 51 -55.36 7.38 0.27
C MET F 51 -54.79 6.09 -0.27
N GLU F 52 -54.32 6.07 -1.51
CA GLU F 52 -53.74 4.90 -2.13
C GLU F 52 -52.21 4.95 -2.20
N GLN F 53 -51.58 5.93 -1.56
CA GLN F 53 -50.13 6.00 -1.58
C GLN F 53 -49.52 4.81 -0.84
N LYS F 54 -48.43 4.29 -1.37
CA LYS F 54 -47.80 3.10 -0.83
C LYS F 54 -46.56 3.47 -0.01
N ASP F 55 -46.10 2.51 0.78
CA ASP F 55 -44.93 2.70 1.62
C ASP F 55 -43.72 2.01 0.99
N TYR F 56 -42.67 1.79 1.78
CA TYR F 56 -41.44 1.19 1.27
C TYR F 56 -41.65 -0.23 0.78
N ASP F 57 -42.68 -0.92 1.27
CA ASP F 57 -43.01 -2.26 0.84
C ASP F 57 -44.18 -2.27 -0.15
N SER F 58 -44.50 -1.13 -0.75
CA SER F 58 -45.62 -0.98 -1.67
C SER F 58 -46.95 -1.38 -1.03
N ARG F 59 -47.06 -1.20 0.29
CA ARG F 59 -48.28 -1.51 1.01
C ARG F 59 -49.16 -0.28 1.11
N THR F 60 -50.46 -0.48 0.93
CA THR F 60 -51.44 0.59 1.04
C THR F 60 -52.18 0.50 2.36
N ALA F 61 -53.01 1.52 2.63
CA ALA F 61 -53.85 1.49 3.82
C ALA F 61 -54.86 0.34 3.75
N LEU F 62 -55.31 -0.02 2.55
CA LEU F 62 -56.22 -1.15 2.41
C LEU F 62 -55.52 -2.46 2.73
N HIS F 63 -54.25 -2.59 2.34
CA HIS F 63 -53.47 -3.78 2.67
C HIS F 63 -53.43 -3.99 4.18
N VAL F 64 -52.98 -2.97 4.92
CA VAL F 64 -52.78 -3.12 6.36
C VAL F 64 -54.11 -3.33 7.07
N ALA F 65 -55.15 -2.64 6.64
CA ALA F 65 -56.47 -2.80 7.27
C ALA F 65 -57.03 -4.19 7.00
N ALA F 66 -56.89 -4.69 5.78
CA ALA F 66 -57.38 -6.02 5.47
C ALA F 66 -56.58 -7.09 6.22
N ALA F 67 -55.26 -6.88 6.35
CA ALA F 67 -54.43 -7.84 7.08
C ALA F 67 -54.80 -7.89 8.55
N GLU F 68 -55.19 -6.75 9.13
CA GLU F 68 -55.60 -6.69 10.53
C GLU F 68 -57.07 -7.05 10.74
N GLY F 69 -57.87 -7.10 9.68
CA GLY F 69 -59.27 -7.45 9.81
C GLY F 69 -60.16 -6.35 10.32
N HIS F 70 -59.72 -5.10 10.26
CA HIS F 70 -60.52 -3.98 10.74
C HIS F 70 -61.58 -3.65 9.70
N ILE F 71 -62.83 -4.05 9.99
CA ILE F 71 -63.86 -4.05 8.96
C ILE F 71 -64.33 -2.63 8.64
N GLU F 72 -64.46 -1.78 9.66
CA GLU F 72 -64.94 -0.42 9.42
C GLU F 72 -63.94 0.39 8.58
N VAL F 73 -62.66 0.04 8.64
CA VAL F 73 -61.67 0.78 7.87
C VAL F 73 -61.72 0.39 6.39
N VAL F 74 -61.81 -0.90 6.09
CA VAL F 74 -61.90 -1.30 4.69
C VAL F 74 -63.23 -0.88 4.09
N LYS F 75 -64.28 -0.79 4.92
CA LYS F 75 -65.55 -0.25 4.44
C LYS F 75 -65.38 1.21 3.99
N PHE F 76 -64.73 2.02 4.82
CA PHE F 76 -64.54 3.42 4.49
C PHE F 76 -63.62 3.60 3.29
N LEU F 77 -62.65 2.69 3.11
CA LEU F 77 -61.69 2.86 2.03
C LEU F 77 -62.26 2.44 0.67
N ILE F 78 -63.23 1.53 0.65
CA ILE F 78 -63.76 1.05 -0.62
C ILE F 78 -65.04 1.79 -0.98
N GLU F 79 -65.81 2.21 0.02
CA GLU F 79 -67.10 2.84 -0.23
C GLU F 79 -67.01 4.35 -0.30
N ALA F 80 -66.18 4.97 0.54
CA ALA F 80 -66.04 6.42 0.53
C ALA F 80 -64.88 6.88 -0.35
N CYS F 81 -63.69 6.27 -0.17
CA CYS F 81 -62.52 6.66 -0.94
C CYS F 81 -62.42 5.92 -2.27
N LYS F 82 -63.02 4.74 -2.38
CA LYS F 82 -63.02 3.95 -3.60
C LYS F 82 -61.59 3.68 -4.09
N VAL F 83 -60.75 3.16 -3.19
CA VAL F 83 -59.39 2.83 -3.56
C VAL F 83 -59.37 1.59 -4.47
N ASN F 84 -58.27 1.43 -5.19
CA ASN F 84 -58.07 0.30 -6.09
C ASN F 84 -57.75 -0.95 -5.29
N PRO F 85 -58.63 -1.96 -5.30
CA PRO F 85 -58.40 -3.18 -4.53
C PRO F 85 -57.44 -4.17 -5.20
N PHE F 86 -56.89 -3.83 -6.36
CA PHE F 86 -55.95 -4.69 -7.07
C PHE F 86 -54.51 -4.20 -6.94
N ALA F 87 -54.24 -3.26 -6.04
CA ALA F 87 -52.87 -2.81 -5.81
C ALA F 87 -52.06 -3.93 -5.19
N LYS F 88 -50.90 -4.22 -5.78
CA LYS F 88 -50.04 -5.29 -5.31
C LYS F 88 -48.91 -4.71 -4.46
N ASP F 89 -48.58 -5.39 -3.36
CA ASP F 89 -47.49 -4.96 -2.52
C ASP F 89 -46.18 -5.53 -3.07
N ARG F 90 -45.12 -5.51 -2.25
CA ARG F 90 -43.81 -5.97 -2.70
C ARG F 90 -43.84 -7.44 -3.12
N TRP F 91 -44.66 -8.26 -2.47
CA TRP F 91 -44.77 -9.67 -2.76
C TRP F 91 -45.89 -9.99 -3.75
N GLY F 92 -46.33 -8.99 -4.51
CA GLY F 92 -47.38 -9.20 -5.50
C GLY F 92 -48.71 -9.60 -4.92
N ASN F 93 -48.97 -9.25 -3.67
CA ASN F 93 -50.18 -9.67 -2.97
C ASN F 93 -51.22 -8.57 -2.99
N ILE F 94 -52.48 -8.99 -3.14
CA ILE F 94 -53.63 -8.09 -3.15
C ILE F 94 -54.16 -8.00 -1.72
N PRO F 95 -54.75 -6.87 -1.31
CA PRO F 95 -55.26 -6.77 0.08
C PRO F 95 -56.11 -7.95 0.52
N LEU F 96 -56.81 -8.61 -0.40
CA LEU F 96 -57.61 -9.77 -0.05
C LEU F 96 -56.74 -10.96 0.37
N ASP F 97 -55.53 -11.07 -0.18
CA ASP F 97 -54.67 -12.20 0.12
C ASP F 97 -54.33 -12.26 1.61
N ASP F 98 -54.03 -11.11 2.22
CA ASP F 98 -53.72 -11.08 3.65
C ASP F 98 -54.96 -11.40 4.48
N ALA F 99 -56.12 -10.91 4.06
CA ALA F 99 -57.35 -11.18 4.80
C ALA F 99 -57.69 -12.67 4.80
N VAL F 100 -57.39 -13.36 3.70
CA VAL F 100 -57.61 -14.81 3.65
C VAL F 100 -56.61 -15.53 4.54
N GLN F 101 -55.35 -15.11 4.50
CA GLN F 101 -54.30 -15.81 5.24
C GLN F 101 -54.54 -15.75 6.74
N PHE F 102 -55.04 -14.61 7.24
CA PHE F 102 -55.18 -14.40 8.67
C PHE F 102 -56.63 -14.47 9.13
N ASN F 103 -57.50 -15.10 8.33
CA ASN F 103 -58.85 -15.49 8.75
C ASN F 103 -59.69 -14.27 9.17
N HIS F 104 -59.82 -13.32 8.25
CA HIS F 104 -60.69 -12.16 8.42
C HIS F 104 -61.81 -12.31 7.40
N LEU F 105 -62.79 -13.15 7.75
CA LEU F 105 -63.78 -13.62 6.78
C LEU F 105 -64.64 -12.48 6.25
N GLU F 106 -65.18 -11.66 7.15
CA GLU F 106 -66.03 -10.55 6.71
C GLU F 106 -65.28 -9.58 5.81
N VAL F 107 -63.98 -9.39 6.07
CA VAL F 107 -63.17 -8.56 5.19
C VAL F 107 -62.98 -9.25 3.83
N VAL F 108 -62.89 -10.58 3.83
CA VAL F 108 -62.76 -11.31 2.58
C VAL F 108 -64.01 -11.13 1.72
N LYS F 109 -65.19 -11.17 2.36
CA LYS F 109 -66.43 -11.02 1.60
C LYS F 109 -66.58 -9.59 1.06
N LEU F 110 -66.18 -8.59 1.85
CA LEU F 110 -66.29 -7.21 1.40
C LEU F 110 -65.41 -6.95 0.19
N LEU F 111 -64.13 -7.35 0.27
CA LEU F 111 -63.22 -7.11 -0.84
C LEU F 111 -63.60 -7.95 -2.06
N GLN F 112 -64.07 -9.17 -1.85
CA GLN F 112 -64.45 -10.03 -2.97
C GLN F 112 -65.59 -9.43 -3.76
N ASP F 113 -66.63 -8.96 -3.06
CA ASP F 113 -67.75 -8.30 -3.74
C ASP F 113 -67.30 -6.99 -4.39
N TYR F 114 -66.43 -6.24 -3.71
CA TYR F 114 -65.97 -4.97 -4.25
C TYR F 114 -65.07 -5.16 -5.47
N GLN F 115 -64.25 -6.22 -5.47
CA GLN F 115 -63.37 -6.47 -6.61
C GLN F 115 -64.16 -6.83 -7.86
N ASP F 116 -65.28 -7.54 -7.70
CA ASP F 116 -66.10 -7.91 -8.86
C ASP F 116 -66.73 -6.69 -9.50
N SER F 117 -67.16 -5.72 -8.70
CA SER F 117 -67.88 -4.56 -9.18
C SER F 117 -66.97 -3.41 -9.60
N TYR F 118 -65.66 -3.55 -9.41
CA TYR F 118 -64.71 -2.46 -9.70
C TYR F 118 -64.74 -2.09 -11.18
N THR F 119 -65.69 -1.23 -11.55
CA THR F 119 -65.89 -0.79 -12.95
C THR F 119 -65.78 -1.93 -13.96
N LYS G 24 -4.23 -19.94 -36.47
CA LYS G 24 -3.63 -21.26 -36.58
C LYS G 24 -4.60 -22.27 -37.17
N THR G 25 -4.19 -23.53 -37.20
CA THR G 25 -5.01 -24.57 -37.83
C THR G 25 -6.18 -25.00 -36.96
N VAL G 26 -6.07 -24.83 -35.64
CA VAL G 26 -7.16 -25.23 -34.75
C VAL G 26 -8.41 -24.39 -35.03
N VAL G 27 -8.22 -23.11 -35.36
CA VAL G 27 -9.34 -22.26 -35.74
C VAL G 27 -10.05 -22.84 -36.96
N ASN G 28 -9.31 -22.97 -38.07
CA ASN G 28 -9.92 -23.44 -39.32
C ASN G 28 -10.55 -24.82 -39.16
N LEU G 29 -9.97 -25.69 -38.32
CA LEU G 29 -10.43 -27.07 -38.27
C LEU G 29 -11.75 -27.19 -37.51
N LEU G 30 -11.83 -26.60 -36.32
CA LEU G 30 -13.07 -26.69 -35.55
C LEU G 30 -14.15 -25.74 -36.08
N PHE G 31 -13.75 -24.66 -36.76
CA PHE G 31 -14.73 -23.79 -37.40
C PHE G 31 -15.36 -24.47 -38.60
N ALA G 32 -14.58 -25.24 -39.36
CA ALA G 32 -15.14 -25.99 -40.49
C ALA G 32 -16.07 -27.10 -39.99
N ALA G 33 -15.72 -27.72 -38.86
CA ALA G 33 -16.59 -28.74 -38.29
C ALA G 33 -17.89 -28.13 -37.78
N TYR G 34 -17.84 -26.92 -37.21
CA TYR G 34 -19.04 -26.27 -36.73
C TYR G 34 -20.00 -25.96 -37.87
N SER G 35 -19.47 -25.58 -39.03
CA SER G 35 -20.27 -25.14 -40.17
C SER G 35 -20.54 -26.25 -41.18
N GLY G 36 -20.21 -27.49 -40.86
CA GLY G 36 -20.46 -28.58 -41.78
C GLY G 36 -19.66 -28.52 -43.07
N ASP G 37 -18.46 -27.95 -43.02
CA ASP G 37 -17.63 -27.74 -44.21
C ASP G 37 -16.81 -29.00 -44.47
N VAL G 38 -17.44 -29.96 -45.14
CA VAL G 38 -16.76 -31.20 -45.49
C VAL G 38 -15.62 -30.93 -46.47
N SER G 39 -15.84 -30.01 -47.42
CA SER G 39 -14.83 -29.74 -48.43
C SER G 39 -13.55 -29.19 -47.80
N ALA G 40 -13.70 -28.26 -46.85
CA ALA G 40 -12.51 -27.72 -46.17
C ALA G 40 -11.79 -28.81 -45.39
N LEU G 41 -12.54 -29.71 -44.77
CA LEU G 41 -11.93 -30.82 -44.03
C LEU G 41 -11.18 -31.76 -44.97
N ARG G 42 -11.72 -31.99 -46.17
CA ARG G 42 -11.04 -32.85 -47.14
C ARG G 42 -9.71 -32.24 -47.56
N ARG G 43 -9.65 -30.92 -47.66
CA ARG G 43 -8.39 -30.26 -48.01
C ARG G 43 -7.41 -30.29 -46.85
N PHE G 44 -7.91 -30.13 -45.61
CA PHE G 44 -7.02 -30.18 -44.45
C PHE G 44 -6.43 -31.56 -44.26
N ALA G 45 -7.17 -32.62 -44.64
CA ALA G 45 -6.67 -33.97 -44.45
C ALA G 45 -5.53 -34.29 -45.41
N LEU G 46 -5.62 -33.83 -46.66
CA LEU G 46 -4.57 -34.10 -47.63
C LEU G 46 -3.24 -33.48 -47.18
N SER G 47 -3.30 -32.32 -46.52
CA SER G 47 -2.11 -31.66 -46.02
C SER G 47 -1.61 -32.26 -44.70
N ALA G 48 -2.08 -33.46 -44.35
CA ALA G 48 -1.60 -34.20 -43.18
C ALA G 48 -1.78 -33.42 -41.89
N MET G 49 -2.74 -32.51 -41.86
CA MET G 49 -3.05 -31.78 -40.63
C MET G 49 -3.66 -32.72 -39.61
N ASP G 50 -3.20 -32.60 -38.36
CA ASP G 50 -3.73 -33.44 -37.30
C ASP G 50 -5.20 -33.14 -37.06
N MET G 51 -6.07 -34.04 -37.53
CA MET G 51 -7.51 -33.86 -37.38
C MET G 51 -8.00 -34.12 -35.96
N GLU G 52 -7.10 -34.42 -35.03
CA GLU G 52 -7.49 -34.71 -33.65
C GLU G 52 -6.96 -33.67 -32.66
N GLN G 53 -6.61 -32.48 -33.15
CA GLN G 53 -6.13 -31.42 -32.28
C GLN G 53 -7.25 -30.92 -31.38
N LYS G 54 -6.89 -30.57 -30.15
CA LYS G 54 -7.83 -30.03 -29.17
C LYS G 54 -7.71 -28.51 -29.11
N ASP G 55 -8.69 -27.89 -28.47
CA ASP G 55 -8.69 -26.45 -28.25
C ASP G 55 -8.59 -26.18 -26.74
N TYR G 56 -8.84 -24.92 -26.38
CA TYR G 56 -8.71 -24.50 -24.98
C TYR G 56 -9.65 -25.28 -24.06
N ASP G 57 -10.76 -25.79 -24.60
CA ASP G 57 -11.69 -26.63 -23.86
C ASP G 57 -11.51 -28.11 -24.17
N SER G 58 -10.36 -28.49 -24.75
CA SER G 58 -10.06 -29.87 -25.11
C SER G 58 -11.10 -30.46 -26.07
N ARG G 59 -11.71 -29.60 -26.89
CA ARG G 59 -12.69 -30.03 -27.87
C ARG G 59 -12.01 -30.32 -29.20
N THR G 60 -12.50 -31.35 -29.89
CA THR G 60 -11.97 -31.77 -31.18
C THR G 60 -12.96 -31.42 -32.28
N ALA G 61 -12.55 -31.68 -33.52
CA ALA G 61 -13.44 -31.46 -34.67
C ALA G 61 -14.65 -32.38 -34.60
N LEU G 62 -14.44 -33.63 -34.17
CA LEU G 62 -15.56 -34.56 -34.03
C LEU G 62 -16.47 -34.14 -32.88
N HIS G 63 -15.93 -33.48 -31.86
CA HIS G 63 -16.74 -32.97 -30.76
C HIS G 63 -17.77 -31.95 -31.26
N VAL G 64 -17.28 -30.91 -31.96
CA VAL G 64 -18.16 -29.82 -32.37
C VAL G 64 -19.15 -30.29 -33.42
N ALA G 65 -18.71 -31.20 -34.31
CA ALA G 65 -19.60 -31.69 -35.37
C ALA G 65 -20.73 -32.52 -34.81
N ALA G 66 -20.43 -33.43 -33.88
CA ALA G 66 -21.48 -34.24 -33.27
C ALA G 66 -22.45 -33.39 -32.46
N ALA G 67 -21.96 -32.28 -31.88
CA ALA G 67 -22.84 -31.39 -31.14
C ALA G 67 -23.76 -30.61 -32.08
N GLU G 68 -23.24 -30.18 -33.24
CA GLU G 68 -24.06 -29.49 -34.22
C GLU G 68 -24.93 -30.45 -35.02
N GLY G 69 -24.62 -31.74 -35.01
CA GLY G 69 -25.39 -32.72 -35.74
C GLY G 69 -25.08 -32.82 -37.22
N HIS G 70 -23.95 -32.29 -37.65
CA HIS G 70 -23.56 -32.36 -39.06
C HIS G 70 -23.14 -33.80 -39.38
N ILE G 71 -24.02 -34.53 -40.06
CA ILE G 71 -23.81 -35.96 -40.28
C ILE G 71 -22.62 -36.19 -41.21
N GLU G 72 -22.57 -35.47 -42.33
CA GLU G 72 -21.53 -35.72 -43.32
C GLU G 72 -20.14 -35.40 -42.80
N VAL G 73 -20.03 -34.45 -41.87
CA VAL G 73 -18.73 -34.15 -41.29
C VAL G 73 -18.31 -35.27 -40.33
N VAL G 74 -19.24 -35.78 -39.54
CA VAL G 74 -18.95 -36.92 -38.67
C VAL G 74 -18.45 -38.09 -39.50
N LYS G 75 -19.13 -38.38 -40.62
CA LYS G 75 -18.72 -39.49 -41.47
C LYS G 75 -17.28 -39.34 -41.93
N PHE G 76 -16.93 -38.18 -42.48
CA PHE G 76 -15.58 -38.00 -43.01
C PHE G 76 -14.52 -38.15 -41.94
N LEU G 77 -14.76 -37.60 -40.74
CA LEU G 77 -13.81 -37.74 -39.65
C LEU G 77 -13.75 -39.17 -39.12
N ILE G 78 -14.79 -39.95 -39.32
CA ILE G 78 -14.84 -41.32 -38.81
C ILE G 78 -14.23 -42.31 -39.79
N GLU G 79 -14.62 -42.24 -41.07
CA GLU G 79 -14.16 -43.22 -42.04
C GLU G 79 -12.78 -42.87 -42.59
N ALA G 80 -12.66 -41.70 -43.21
CA ALA G 80 -11.43 -41.35 -43.92
C ALA G 80 -10.30 -40.98 -42.97
N CYS G 81 -10.62 -40.26 -41.89
CA CYS G 81 -9.59 -39.79 -40.97
C CYS G 81 -9.29 -40.77 -39.85
N LYS G 82 -10.27 -41.57 -39.44
CA LYS G 82 -10.18 -42.45 -38.28
C LYS G 82 -9.62 -41.68 -37.08
N VAL G 83 -10.46 -40.79 -36.58
CA VAL G 83 -10.13 -40.00 -35.40
C VAL G 83 -10.58 -40.79 -34.17
N ASN G 84 -9.86 -40.60 -33.07
CA ASN G 84 -10.19 -41.30 -31.84
C ASN G 84 -11.55 -40.83 -31.33
N PRO G 85 -12.56 -41.68 -31.32
CA PRO G 85 -13.87 -41.29 -30.78
C PRO G 85 -13.92 -41.32 -29.26
N PHE G 86 -12.81 -41.67 -28.60
CA PHE G 86 -12.74 -41.79 -27.15
C PHE G 86 -11.95 -40.65 -26.52
N ALA G 87 -11.91 -39.49 -27.18
CA ALA G 87 -11.27 -38.31 -26.62
C ALA G 87 -12.28 -37.51 -25.81
N LYS G 88 -11.87 -37.05 -24.64
CA LYS G 88 -12.74 -36.33 -23.73
C LYS G 88 -12.38 -34.84 -23.72
N ASP G 89 -13.37 -34.00 -23.43
CA ASP G 89 -13.18 -32.57 -23.38
C ASP G 89 -13.00 -32.12 -21.93
N ARG G 90 -13.21 -30.83 -21.66
CA ARG G 90 -12.98 -30.30 -20.32
C ARG G 90 -13.92 -30.93 -19.30
N TRP G 91 -15.16 -31.19 -19.70
CA TRP G 91 -16.15 -31.80 -18.82
C TRP G 91 -16.10 -33.33 -18.86
N GLY G 92 -15.03 -33.91 -19.40
CA GLY G 92 -14.92 -35.36 -19.47
C GLY G 92 -15.94 -36.01 -20.37
N ASN G 93 -16.47 -35.27 -21.34
CA ASN G 93 -17.53 -35.77 -22.20
C ASN G 93 -16.97 -36.22 -23.53
N ILE G 94 -17.62 -37.23 -24.11
CA ILE G 94 -17.22 -37.85 -25.36
C ILE G 94 -18.08 -37.23 -26.46
N PRO G 95 -17.61 -37.19 -27.71
CA PRO G 95 -18.45 -36.63 -28.78
C PRO G 95 -19.83 -37.28 -28.89
N LEU G 96 -19.93 -38.56 -28.54
CA LEU G 96 -21.23 -39.22 -28.49
C LEU G 96 -22.13 -38.60 -27.43
N ASP G 97 -21.56 -38.10 -26.34
CA ASP G 97 -22.37 -37.52 -25.27
C ASP G 97 -23.13 -36.29 -25.76
N ASP G 98 -22.47 -35.43 -26.53
CA ASP G 98 -23.15 -34.26 -27.08
C ASP G 98 -24.24 -34.67 -28.07
N ALA G 99 -24.00 -35.74 -28.83
CA ALA G 99 -24.96 -36.16 -29.85
C ALA G 99 -26.26 -36.63 -29.22
N VAL G 100 -26.19 -37.32 -28.07
CA VAL G 100 -27.41 -37.76 -27.41
C VAL G 100 -28.09 -36.62 -26.65
N GLN G 101 -27.34 -35.56 -26.30
CA GLN G 101 -27.92 -34.44 -25.59
C GLN G 101 -28.70 -33.50 -26.50
N PHE G 102 -28.38 -33.47 -27.80
CA PHE G 102 -29.02 -32.56 -28.74
C PHE G 102 -29.83 -33.30 -29.80
N ASN G 103 -30.18 -34.57 -29.55
CA ASN G 103 -31.11 -35.33 -30.38
C ASN G 103 -30.62 -35.48 -31.81
N HIS G 104 -29.31 -35.70 -31.97
CA HIS G 104 -28.73 -35.99 -33.28
C HIS G 104 -28.60 -37.50 -33.45
N LEU G 105 -29.75 -38.15 -33.52
CA LEU G 105 -29.80 -39.61 -33.43
C LEU G 105 -29.06 -40.29 -34.57
N GLU G 106 -29.04 -39.69 -35.76
CA GLU G 106 -28.25 -40.25 -36.85
C GLU G 106 -26.77 -40.24 -36.52
N VAL G 107 -26.31 -39.19 -35.84
CA VAL G 107 -24.91 -39.14 -35.40
C VAL G 107 -24.68 -40.09 -34.25
N VAL G 108 -25.68 -40.27 -33.38
CA VAL G 108 -25.55 -41.21 -32.26
C VAL G 108 -25.33 -42.62 -32.79
N LYS G 109 -26.12 -43.02 -33.79
CA LYS G 109 -25.96 -44.34 -34.40
C LYS G 109 -24.57 -44.49 -35.05
N LEU G 110 -24.11 -43.45 -35.74
CA LEU G 110 -22.84 -43.54 -36.45
C LEU G 110 -21.67 -43.74 -35.48
N LEU G 111 -21.69 -43.05 -34.33
CA LEU G 111 -20.56 -43.12 -33.42
C LEU G 111 -20.52 -44.42 -32.64
N GLN G 112 -21.68 -45.01 -32.34
CA GLN G 112 -21.69 -46.28 -31.61
C GLN G 112 -21.09 -47.41 -32.46
N ASP G 113 -21.46 -47.48 -33.74
CA ASP G 113 -20.86 -48.47 -34.63
C ASP G 113 -19.35 -48.28 -34.71
N TYR G 114 -18.90 -47.03 -34.75
CA TYR G 114 -17.47 -46.76 -34.79
C TYR G 114 -16.81 -46.99 -33.44
N GLN G 115 -17.52 -46.70 -32.34
CA GLN G 115 -16.97 -46.98 -31.01
C GLN G 115 -16.84 -48.47 -30.77
N ASP G 116 -17.84 -49.25 -31.19
CA ASP G 116 -17.84 -50.69 -30.97
C ASP G 116 -16.75 -51.41 -31.76
N SER G 117 -16.08 -50.74 -32.68
CA SER G 117 -15.04 -51.36 -33.49
C SER G 117 -13.70 -50.64 -33.42
N TYR G 118 -13.61 -49.54 -32.66
CA TYR G 118 -12.39 -48.74 -32.63
C TYR G 118 -11.34 -49.38 -31.72
N THR G 119 -10.08 -49.20 -32.10
CA THR G 119 -8.90 -49.70 -31.38
C THR G 119 -9.07 -51.14 -30.90
N THR H 25 31.08 4.46 14.20
CA THR H 25 31.63 5.49 13.32
C THR H 25 32.19 4.87 12.05
N VAL H 26 33.14 3.94 12.21
CA VAL H 26 33.60 3.17 11.07
C VAL H 26 32.49 2.31 10.50
N VAL H 27 31.49 1.97 11.32
CA VAL H 27 30.34 1.22 10.81
C VAL H 27 29.44 2.13 9.96
N ASN H 28 29.19 3.36 10.42
CA ASN H 28 28.38 4.28 9.64
C ASN H 28 29.05 4.64 8.32
N LEU H 29 30.38 4.75 8.34
CA LEU H 29 31.11 5.17 7.15
C LEU H 29 31.00 4.12 6.04
N LEU H 30 31.35 2.86 6.35
CA LEU H 30 31.36 1.82 5.32
C LEU H 30 29.97 1.33 4.97
N PHE H 31 28.97 1.65 5.81
CA PHE H 31 27.60 1.32 5.47
C PHE H 31 27.01 2.33 4.49
N ALA H 32 27.26 3.62 4.73
CA ALA H 32 26.86 4.65 3.76
C ALA H 32 27.50 4.41 2.39
N ALA H 33 28.77 4.00 2.38
CA ALA H 33 29.44 3.68 1.12
C ALA H 33 28.78 2.46 0.45
N TYR H 34 28.38 1.47 1.25
CA TYR H 34 27.77 0.28 0.66
C TYR H 34 26.42 0.60 0.02
N SER H 35 25.64 1.48 0.64
CA SER H 35 24.29 1.78 0.18
C SER H 35 24.23 3.01 -0.73
N GLY H 36 25.37 3.59 -1.09
CA GLY H 36 25.37 4.74 -1.96
C GLY H 36 24.87 6.02 -1.32
N ASP H 37 24.94 6.13 0.00
CA ASP H 37 24.41 7.28 0.73
C ASP H 37 25.43 8.43 0.67
N VAL H 38 25.42 9.13 -0.46
CA VAL H 38 26.34 10.26 -0.65
C VAL H 38 26.02 11.37 0.34
N SER H 39 24.73 11.57 0.63
CA SER H 39 24.34 12.60 1.60
C SER H 39 24.96 12.33 2.96
N ALA H 40 24.98 11.07 3.39
CA ALA H 40 25.56 10.75 4.69
C ALA H 40 27.07 10.98 4.69
N LEU H 41 27.74 10.68 3.57
CA LEU H 41 29.17 10.90 3.49
C LEU H 41 29.52 12.38 3.48
N ARG H 42 28.66 13.21 2.88
CA ARG H 42 28.90 14.66 2.92
C ARG H 42 28.83 15.18 4.35
N ARG H 43 27.91 14.63 5.15
CA ARG H 43 27.79 15.06 6.54
C ARG H 43 28.98 14.58 7.37
N PHE H 44 29.51 13.40 7.08
CA PHE H 44 30.62 12.87 7.85
C PHE H 44 31.90 13.67 7.59
N ALA H 45 32.10 14.10 6.35
CA ALA H 45 33.36 14.76 5.98
C ALA H 45 33.50 16.11 6.67
N LEU H 46 32.44 16.92 6.66
CA LEU H 46 32.52 18.25 7.25
C LEU H 46 32.61 18.19 8.77
N SER H 47 32.00 17.18 9.39
CA SER H 47 32.09 16.98 10.83
C SER H 47 33.41 16.36 11.26
N ALA H 48 34.44 16.43 10.42
CA ALA H 48 35.80 16.01 10.75
C ALA H 48 35.85 14.54 11.15
N MET H 49 35.54 13.67 10.19
CA MET H 49 35.64 12.24 10.36
C MET H 49 36.73 11.70 9.45
N ASP H 50 37.58 10.83 9.99
CA ASP H 50 38.61 10.18 9.19
C ASP H 50 37.95 9.32 8.11
N MET H 51 37.83 9.86 6.90
CA MET H 51 37.18 9.13 5.82
C MET H 51 37.99 7.93 5.36
N GLU H 52 39.27 7.85 5.73
CA GLU H 52 40.11 6.71 5.41
C GLU H 52 40.11 5.65 6.52
N GLN H 53 39.14 5.69 7.42
CA GLN H 53 39.05 4.68 8.48
C GLN H 53 38.88 3.30 7.88
N LYS H 54 39.63 2.34 8.41
CA LYS H 54 39.59 0.94 7.97
C LYS H 54 38.90 0.10 9.03
N ASP H 55 38.31 -1.01 8.59
CA ASP H 55 37.58 -1.89 9.48
C ASP H 55 38.44 -3.10 9.83
N TYR H 56 37.81 -4.12 10.40
CA TYR H 56 38.51 -5.34 10.80
C TYR H 56 39.14 -6.05 9.60
N ASP H 57 38.41 -6.11 8.48
CA ASP H 57 38.89 -6.71 7.25
C ASP H 57 39.81 -5.76 6.47
N SER H 58 40.25 -4.66 7.08
CA SER H 58 41.18 -3.68 6.50
C SER H 58 40.58 -2.89 5.34
N ARG H 59 39.25 -2.76 5.29
CA ARG H 59 38.57 -2.11 4.18
C ARG H 59 38.18 -0.70 4.58
N THR H 60 38.28 0.23 3.63
CA THR H 60 37.86 1.60 3.81
C THR H 60 36.53 1.83 3.08
N ALA H 61 35.98 3.04 3.24
CA ALA H 61 34.76 3.39 2.52
C ALA H 61 34.96 3.31 1.02
N LEU H 62 36.12 3.75 0.52
CA LEU H 62 36.41 3.67 -0.90
C LEU H 62 36.47 2.23 -1.37
N HIS H 63 36.92 1.31 -0.52
CA HIS H 63 36.93 -0.10 -0.87
C HIS H 63 35.52 -0.62 -1.13
N VAL H 64 34.61 -0.40 -0.17
CA VAL H 64 33.26 -0.93 -0.30
C VAL H 64 32.50 -0.23 -1.42
N ALA H 65 32.76 1.06 -1.63
CA ALA H 65 32.08 1.80 -2.69
C ALA H 65 32.43 1.26 -4.06
N ALA H 66 33.73 1.04 -4.31
CA ALA H 66 34.15 0.52 -5.61
C ALA H 66 33.67 -0.90 -5.84
N ALA H 67 33.56 -1.69 -4.78
CA ALA H 67 33.07 -3.06 -4.93
C ALA H 67 31.61 -3.09 -5.36
N GLU H 68 30.79 -2.20 -4.78
CA GLU H 68 29.38 -2.13 -5.16
C GLU H 68 29.16 -1.39 -6.47
N GLY H 69 30.10 -0.54 -6.88
CA GLY H 69 29.95 0.21 -8.11
C GLY H 69 29.17 1.50 -7.99
N HIS H 70 29.18 2.14 -6.83
CA HIS H 70 28.47 3.40 -6.64
C HIS H 70 29.36 4.54 -7.10
N ILE H 71 29.04 5.10 -8.28
CA ILE H 71 29.92 6.07 -8.91
C ILE H 71 29.92 7.38 -8.13
N GLU H 72 28.73 7.87 -7.76
CA GLU H 72 28.65 9.16 -7.06
C GLU H 72 29.36 9.10 -5.71
N VAL H 73 29.42 7.92 -5.09
CA VAL H 73 30.14 7.78 -3.83
C VAL H 73 31.65 7.80 -4.07
N VAL H 74 32.10 7.06 -5.09
CA VAL H 74 33.52 7.06 -5.42
C VAL H 74 33.98 8.47 -5.81
N LYS H 75 33.19 9.17 -6.62
CA LYS H 75 33.51 10.55 -6.97
C LYS H 75 33.72 11.39 -5.72
N PHE H 76 32.76 11.34 -4.79
CA PHE H 76 32.82 12.22 -3.62
C PHE H 76 34.03 11.93 -2.74
N LEU H 77 34.33 10.65 -2.49
CA LEU H 77 35.48 10.32 -1.65
C LEU H 77 36.78 10.73 -2.33
N ILE H 78 36.79 10.75 -3.66
CA ILE H 78 37.95 11.16 -4.44
C ILE H 78 38.01 12.68 -4.62
N GLU H 79 36.91 13.31 -5.05
CA GLU H 79 36.97 14.74 -5.35
C GLU H 79 37.07 15.58 -4.07
N ALA H 80 36.16 15.34 -3.10
CA ALA H 80 36.06 16.24 -1.95
C ALA H 80 36.87 15.80 -0.72
N CYS H 81 37.18 14.51 -0.61
CA CYS H 81 37.86 13.98 0.57
C CYS H 81 39.33 13.71 0.34
N LYS H 82 39.76 13.56 -0.93
CA LYS H 82 41.16 13.35 -1.28
C LYS H 82 41.74 12.15 -0.53
N VAL H 83 40.98 11.07 -0.46
CA VAL H 83 41.41 9.88 0.26
C VAL H 83 42.49 9.16 -0.52
N ASN H 84 43.19 8.25 0.13
CA ASN H 84 44.27 7.49 -0.51
C ASN H 84 43.67 6.33 -1.29
N PRO H 85 43.83 6.29 -2.62
CA PRO H 85 43.30 5.16 -3.39
C PRO H 85 44.21 3.93 -3.37
N PHE H 86 45.44 4.07 -2.89
CA PHE H 86 46.36 2.95 -2.76
C PHE H 86 46.26 2.25 -1.41
N ALA H 87 45.29 2.64 -0.59
CA ALA H 87 45.06 1.95 0.67
C ALA H 87 44.77 0.48 0.42
N LYS H 88 45.46 -0.40 1.14
CA LYS H 88 45.41 -1.83 0.89
C LYS H 88 44.61 -2.51 2.00
N ASP H 89 43.82 -3.51 1.61
CA ASP H 89 43.02 -4.23 2.60
C ASP H 89 43.75 -5.46 3.11
N ARG H 90 43.00 -6.49 3.51
CA ARG H 90 43.60 -7.68 4.10
C ARG H 90 44.19 -8.62 3.04
N TRP H 91 43.56 -8.71 1.88
CA TRP H 91 43.93 -9.71 0.87
C TRP H 91 44.98 -9.21 -0.11
N GLY H 92 45.51 -8.02 0.09
CA GLY H 92 46.44 -7.46 -0.89
C GLY H 92 45.75 -6.84 -2.09
N ASN H 93 44.64 -6.14 -1.88
CA ASN H 93 43.89 -5.48 -2.94
C ASN H 93 43.65 -4.03 -2.55
N ILE H 94 43.58 -3.17 -3.56
CA ILE H 94 43.23 -1.77 -3.37
C ILE H 94 41.81 -1.59 -3.89
N PRO H 95 41.12 -0.47 -3.61
CA PRO H 95 39.75 -0.30 -4.11
C PRO H 95 39.62 -0.50 -5.61
N LEU H 96 40.67 -0.23 -6.38
CA LEU H 96 40.63 -0.45 -7.82
C LEU H 96 40.46 -1.93 -8.15
N ASP H 97 41.10 -2.81 -7.36
CA ASP H 97 41.05 -4.24 -7.66
C ASP H 97 39.64 -4.80 -7.58
N ASP H 98 38.87 -4.37 -6.57
CA ASP H 98 37.48 -4.82 -6.46
C ASP H 98 36.65 -4.30 -7.62
N ALA H 99 36.86 -3.04 -8.00
CA ALA H 99 36.15 -2.50 -9.16
C ALA H 99 36.50 -3.25 -10.43
N VAL H 100 37.72 -3.78 -10.51
CA VAL H 100 38.15 -4.53 -11.70
C VAL H 100 37.47 -5.89 -11.73
N GLN H 101 37.47 -6.60 -10.59
CA GLN H 101 36.92 -7.95 -10.55
C GLN H 101 35.43 -7.94 -10.86
N PHE H 102 34.69 -7.01 -10.26
CA PHE H 102 33.24 -6.97 -10.41
C PHE H 102 32.78 -6.11 -11.58
N ASN H 103 33.72 -5.66 -12.42
CA ASN H 103 33.40 -5.04 -13.71
C ASN H 103 32.55 -3.79 -13.56
N HIS H 104 33.02 -2.85 -12.72
CA HIS H 104 32.45 -1.51 -12.65
C HIS H 104 33.40 -0.58 -13.39
N LEU H 105 33.28 -0.59 -14.73
CA LEU H 105 34.28 0.02 -15.58
C LEU H 105 34.29 1.54 -15.49
N GLU H 106 33.14 2.16 -15.18
CA GLU H 106 33.14 3.60 -14.94
C GLU H 106 33.90 3.94 -13.68
N VAL H 107 33.81 3.09 -12.65
CA VAL H 107 34.56 3.32 -11.41
C VAL H 107 36.04 3.03 -11.62
N VAL H 108 36.34 2.02 -12.44
CA VAL H 108 37.74 1.67 -12.72
C VAL H 108 38.45 2.85 -13.38
N LYS H 109 37.81 3.46 -14.38
CA LYS H 109 38.42 4.60 -15.06
C LYS H 109 38.57 5.80 -14.12
N LEU H 110 37.61 5.99 -13.21
CA LEU H 110 37.70 7.08 -12.25
C LEU H 110 38.88 6.88 -11.31
N LEU H 111 39.00 5.68 -10.73
CA LEU H 111 40.09 5.41 -9.80
C LEU H 111 41.44 5.36 -10.52
N GLN H 112 41.45 4.93 -11.79
CA GLN H 112 42.69 4.88 -12.54
C GLN H 112 43.27 6.28 -12.73
N ASP H 113 42.44 7.22 -13.19
CA ASP H 113 42.91 8.58 -13.42
C ASP H 113 43.27 9.29 -12.12
N TYR H 114 42.57 8.96 -11.03
CA TYR H 114 42.90 9.58 -9.74
C TYR H 114 44.20 9.01 -9.18
N GLN H 115 44.42 7.70 -9.33
CA GLN H 115 45.67 7.11 -8.87
C GLN H 115 46.87 7.69 -9.61
N ASP H 116 46.75 7.85 -10.93
CA ASP H 116 47.83 8.39 -11.73
C ASP H 116 48.15 9.84 -11.39
N SER H 117 47.20 10.58 -10.81
CA SER H 117 47.39 11.99 -10.48
C SER H 117 47.45 12.25 -8.98
N TYR H 118 47.48 11.19 -8.17
CA TYR H 118 47.44 11.36 -6.72
C TYR H 118 48.79 11.83 -6.18
N THR H 119 48.76 12.92 -5.44
CA THR H 119 49.94 13.46 -4.74
C THR H 119 51.15 13.62 -5.66
N MET I 23 -13.11 -14.65 -35.98
CA MET I 23 -12.79 -16.01 -36.40
C MET I 23 -11.44 -16.42 -35.79
N LYS I 24 -10.32 -16.00 -36.41
CA LYS I 24 -9.01 -16.15 -35.78
C LYS I 24 -8.90 -15.26 -34.54
N THR I 25 -9.53 -14.08 -34.57
CA THR I 25 -9.48 -13.17 -33.44
C THR I 25 -10.12 -13.78 -32.19
N VAL I 26 -11.08 -14.68 -32.37
CA VAL I 26 -11.81 -15.22 -31.22
C VAL I 26 -11.01 -16.34 -30.56
N VAL I 27 -10.45 -17.24 -31.36
CA VAL I 27 -9.63 -18.32 -30.81
C VAL I 27 -8.37 -17.76 -30.18
N ASN I 28 -7.80 -16.70 -30.78
CA ASN I 28 -6.69 -16.01 -30.16
C ASN I 28 -7.08 -15.44 -28.80
N LEU I 29 -8.27 -14.87 -28.71
CA LEU I 29 -8.72 -14.27 -27.45
C LEU I 29 -8.94 -15.33 -26.38
N LEU I 30 -9.61 -16.42 -26.72
CA LEU I 30 -9.93 -17.43 -25.71
C LEU I 30 -8.68 -18.18 -25.26
N PHE I 31 -7.71 -18.39 -26.15
CA PHE I 31 -6.48 -19.07 -25.74
C PHE I 31 -5.66 -18.19 -24.80
N ALA I 32 -5.66 -16.88 -25.03
CA ALA I 32 -5.00 -15.98 -24.09
C ALA I 32 -5.70 -15.99 -22.74
N ALA I 33 -7.04 -16.07 -22.74
CA ALA I 33 -7.77 -16.26 -21.49
C ALA I 33 -7.51 -17.65 -20.90
N TYR I 34 -7.27 -18.64 -21.76
CA TYR I 34 -6.93 -19.98 -21.28
C TYR I 34 -5.54 -20.01 -20.68
N SER I 35 -4.60 -19.23 -21.23
CA SER I 35 -3.23 -19.21 -20.74
C SER I 35 -3.08 -18.41 -19.45
N GLY I 36 -4.03 -17.53 -19.14
CA GLY I 36 -3.86 -16.61 -18.03
C GLY I 36 -3.07 -15.36 -18.36
N ASP I 37 -2.67 -15.18 -19.62
CA ASP I 37 -1.90 -14.03 -20.06
C ASP I 37 -2.81 -12.80 -20.03
N VAL I 38 -2.74 -12.03 -18.95
CA VAL I 38 -3.54 -10.82 -18.84
C VAL I 38 -2.98 -9.73 -19.76
N SER I 39 -1.67 -9.71 -19.99
CA SER I 39 -1.07 -8.68 -20.82
C SER I 39 -1.52 -8.79 -22.27
N ALA I 40 -1.72 -10.02 -22.75
CA ALA I 40 -2.20 -10.21 -24.11
C ALA I 40 -3.63 -9.73 -24.26
N LEU I 41 -4.46 -9.97 -23.23
CA LEU I 41 -5.86 -9.54 -23.30
C LEU I 41 -5.99 -8.02 -23.27
N ARG I 42 -5.05 -7.32 -22.64
CA ARG I 42 -5.11 -5.86 -22.60
C ARG I 42 -4.95 -5.27 -23.99
N ARG I 43 -4.00 -5.78 -24.77
CA ARG I 43 -3.81 -5.30 -26.14
C ARG I 43 -5.05 -5.54 -26.98
N PHE I 44 -5.75 -6.66 -26.74
CA PHE I 44 -6.99 -6.93 -27.47
C PHE I 44 -8.07 -5.92 -27.13
N ALA I 45 -8.23 -5.60 -25.85
CA ALA I 45 -9.27 -4.66 -25.44
C ALA I 45 -8.95 -3.23 -25.88
N LEU I 46 -7.68 -2.91 -26.08
CA LEU I 46 -7.31 -1.57 -26.52
C LEU I 46 -7.65 -1.33 -27.98
N SER I 47 -7.79 -2.38 -28.79
CA SER I 47 -8.13 -2.26 -30.19
C SER I 47 -9.63 -2.30 -30.44
N ALA I 48 -10.44 -2.00 -29.42
CA ALA I 48 -11.90 -1.95 -29.54
C ALA I 48 -12.47 -3.27 -30.03
N MET I 49 -11.76 -4.37 -29.77
CA MET I 49 -12.26 -5.68 -30.13
C MET I 49 -13.39 -6.09 -29.18
N ASP I 50 -14.40 -6.75 -29.73
CA ASP I 50 -15.50 -7.25 -28.92
C ASP I 50 -15.00 -8.38 -28.02
N MET I 51 -14.84 -8.08 -26.73
CA MET I 51 -14.37 -9.07 -25.77
C MET I 51 -15.43 -10.08 -25.39
N GLU I 52 -16.65 -9.94 -25.89
CA GLU I 52 -17.73 -10.88 -25.62
C GLU I 52 -17.99 -11.84 -26.77
N GLN I 53 -17.19 -11.79 -27.83
CA GLN I 53 -17.39 -12.66 -28.98
C GLN I 53 -17.18 -14.12 -28.58
N LYS I 54 -18.04 -14.99 -29.09
CA LYS I 54 -18.02 -16.41 -28.73
C LYS I 54 -17.47 -17.24 -29.88
N ASP I 55 -17.22 -18.51 -29.59
CA ASP I 55 -16.65 -19.45 -30.55
C ASP I 55 -17.72 -20.44 -31.02
N TYR I 56 -17.26 -21.51 -31.68
CA TYR I 56 -18.15 -22.53 -32.20
C TYR I 56 -18.96 -23.22 -31.12
N ASP I 57 -18.49 -23.20 -29.88
CA ASP I 57 -19.23 -23.74 -28.75
C ASP I 57 -19.94 -22.65 -27.96
N SER I 58 -20.07 -21.44 -28.52
CA SER I 58 -20.69 -20.30 -27.87
C SER I 58 -19.99 -19.94 -26.57
N ARG I 59 -18.69 -20.20 -26.49
CA ARG I 59 -17.90 -19.92 -25.30
C ARG I 59 -17.23 -18.55 -25.44
N THR I 60 -17.33 -17.73 -24.40
CA THR I 60 -16.68 -16.44 -24.36
C THR I 60 -15.36 -16.57 -23.61
N ALA I 61 -14.64 -15.44 -23.51
CA ALA I 61 -13.38 -15.45 -22.78
C ALA I 61 -13.60 -15.63 -21.29
N LEU I 62 -14.68 -15.06 -20.75
CA LEU I 62 -15.02 -15.28 -19.36
C LEU I 62 -15.43 -16.73 -19.10
N HIS I 63 -15.97 -17.41 -20.10
CA HIS I 63 -16.27 -18.84 -19.95
C HIS I 63 -15.00 -19.65 -19.75
N VAL I 64 -14.01 -19.45 -20.63
CA VAL I 64 -12.77 -20.21 -20.53
C VAL I 64 -11.97 -19.80 -19.31
N ALA I 65 -11.99 -18.51 -18.96
CA ALA I 65 -11.24 -18.04 -17.79
C ALA I 65 -11.82 -18.60 -16.50
N ALA I 66 -13.15 -18.52 -16.35
CA ALA I 66 -13.78 -19.02 -15.12
C ALA I 66 -13.63 -20.53 -14.99
N ALA I 67 -13.64 -21.26 -16.12
CA ALA I 67 -13.44 -22.71 -16.05
C ALA I 67 -12.02 -23.07 -15.66
N GLU I 68 -11.05 -22.26 -16.05
CA GLU I 68 -9.66 -22.51 -15.66
C GLU I 68 -9.38 -22.05 -14.23
N GLY I 69 -10.05 -21.00 -13.77
CA GLY I 69 -9.85 -20.49 -12.43
C GLY I 69 -8.94 -19.29 -12.32
N HIS I 70 -8.47 -18.74 -13.44
CA HIS I 70 -7.57 -17.58 -13.41
C HIS I 70 -8.31 -16.38 -12.85
N ILE I 71 -7.97 -16.00 -11.62
CA ILE I 71 -8.70 -14.95 -10.92
C ILE I 71 -8.42 -13.59 -11.56
N GLU I 72 -7.16 -13.31 -11.89
CA GLU I 72 -6.82 -11.99 -12.43
C GLU I 72 -7.36 -11.79 -13.83
N VAL I 73 -7.50 -12.86 -14.61
CA VAL I 73 -8.11 -12.76 -15.92
C VAL I 73 -9.60 -12.45 -15.79
N VAL I 74 -10.28 -13.17 -14.90
CA VAL I 74 -11.70 -12.88 -14.64
C VAL I 74 -11.86 -11.44 -14.17
N LYS I 75 -10.96 -10.99 -13.29
CA LYS I 75 -11.08 -9.63 -12.77
C LYS I 75 -10.85 -8.58 -13.86
N PHE I 76 -9.98 -8.86 -14.82
CA PHE I 76 -9.80 -7.92 -15.92
C PHE I 76 -11.00 -7.90 -16.84
N LEU I 77 -11.64 -9.06 -17.05
CA LEU I 77 -12.85 -9.11 -17.87
C LEU I 77 -14.06 -8.56 -17.11
N ILE I 78 -14.01 -8.53 -15.78
CA ILE I 78 -15.15 -8.07 -14.99
C ILE I 78 -15.15 -6.56 -14.87
N GLU I 79 -14.03 -5.98 -14.44
CA GLU I 79 -13.97 -4.56 -14.12
C GLU I 79 -13.48 -3.70 -15.27
N ALA I 80 -12.50 -4.17 -16.04
CA ALA I 80 -11.97 -3.35 -17.12
C ALA I 80 -12.85 -3.42 -18.38
N CYS I 81 -13.35 -4.61 -18.71
CA CYS I 81 -14.11 -4.81 -19.93
C CYS I 81 -15.61 -4.78 -19.71
N LYS I 82 -16.08 -5.12 -18.52
CA LYS I 82 -17.50 -5.11 -18.17
C LYS I 82 -18.32 -5.97 -19.14
N VAL I 83 -17.89 -7.22 -19.31
CA VAL I 83 -18.56 -8.15 -20.21
C VAL I 83 -19.84 -8.65 -19.55
N ASN I 84 -20.77 -9.12 -20.39
CA ASN I 84 -22.03 -9.67 -19.89
C ASN I 84 -21.78 -11.02 -19.23
N PRO I 85 -22.02 -11.17 -17.93
CA PRO I 85 -21.77 -12.45 -17.27
C PRO I 85 -22.88 -13.47 -17.48
N PHE I 86 -24.00 -13.08 -18.09
CA PHE I 86 -25.15 -13.96 -18.28
C PHE I 86 -25.15 -14.63 -19.64
N ALA I 87 -24.02 -14.62 -20.34
CA ALA I 87 -23.95 -15.28 -21.64
C ALA I 87 -23.98 -16.78 -21.49
N LYS I 88 -24.86 -17.44 -22.24
CA LYS I 88 -25.01 -18.89 -22.19
C LYS I 88 -24.24 -19.52 -23.34
N ASP I 89 -23.44 -20.55 -23.03
CA ASP I 89 -22.71 -21.26 -24.07
C ASP I 89 -23.61 -22.28 -24.75
N ARG I 90 -23.02 -23.31 -25.37
CA ARG I 90 -23.82 -24.29 -26.09
C ARG I 90 -24.74 -25.06 -25.16
N TRP I 91 -24.24 -25.43 -23.97
CA TRP I 91 -25.00 -26.20 -23.00
C TRP I 91 -25.85 -25.33 -22.09
N GLY I 92 -26.15 -24.10 -22.51
CA GLY I 92 -26.93 -23.20 -21.68
C GLY I 92 -26.26 -22.81 -20.38
N ASN I 93 -24.93 -22.79 -20.35
CA ASN I 93 -24.18 -22.56 -19.11
C ASN I 93 -23.62 -21.15 -19.06
N ILE I 94 -23.67 -20.57 -17.87
CA ILE I 94 -23.13 -19.25 -17.53
C ILE I 94 -21.65 -19.47 -17.18
N PRO I 95 -20.77 -18.47 -17.35
CA PRO I 95 -19.37 -18.67 -16.92
C PRO I 95 -19.24 -19.08 -15.47
N LEU I 96 -20.15 -18.64 -14.60
CA LEU I 96 -20.12 -19.04 -13.21
C LEU I 96 -20.46 -20.52 -13.04
N ASP I 97 -21.24 -21.10 -13.97
CA ASP I 97 -21.62 -22.50 -13.85
C ASP I 97 -20.42 -23.43 -13.94
N ASP I 98 -19.46 -23.10 -14.81
CA ASP I 98 -18.26 -23.92 -14.90
C ASP I 98 -17.30 -23.65 -13.74
N ALA I 99 -17.33 -22.44 -13.18
CA ALA I 99 -16.52 -22.16 -12.00
C ALA I 99 -17.01 -22.93 -10.79
N VAL I 100 -18.34 -23.01 -10.61
CA VAL I 100 -18.91 -23.80 -9.52
C VAL I 100 -18.60 -25.27 -9.74
N GLN I 101 -18.80 -25.76 -10.95
CA GLN I 101 -18.57 -27.18 -11.26
C GLN I 101 -17.12 -27.59 -11.09
N PHE I 102 -16.18 -26.64 -11.19
CA PHE I 102 -14.76 -26.96 -11.11
C PHE I 102 -14.11 -26.44 -9.83
N ASN I 103 -14.91 -25.98 -8.88
CA ASN I 103 -14.43 -25.65 -7.52
C ASN I 103 -13.41 -24.52 -7.53
N HIS I 104 -13.70 -23.47 -8.28
CA HIS I 104 -12.90 -22.24 -8.28
C HIS I 104 -13.67 -21.21 -7.45
N LEU I 105 -13.46 -21.25 -6.13
CA LEU I 105 -14.33 -20.57 -5.19
C LEU I 105 -14.13 -19.05 -5.21
N GLU I 106 -12.87 -18.59 -5.16
CA GLU I 106 -12.59 -17.17 -5.27
C GLU I 106 -13.18 -16.61 -6.56
N VAL I 107 -13.07 -17.36 -7.65
CA VAL I 107 -13.73 -16.98 -8.90
C VAL I 107 -15.25 -16.92 -8.70
N VAL I 108 -15.82 -17.97 -8.09
CA VAL I 108 -17.26 -18.05 -7.91
C VAL I 108 -17.79 -16.82 -7.16
N LYS I 109 -17.08 -16.40 -6.12
CA LYS I 109 -17.51 -15.22 -5.37
C LYS I 109 -17.39 -13.96 -6.21
N LEU I 110 -16.45 -13.92 -7.15
CA LEU I 110 -16.29 -12.74 -8.00
C LEU I 110 -17.47 -12.58 -8.96
N LEU I 111 -17.93 -13.69 -9.55
CA LEU I 111 -18.99 -13.60 -10.55
C LEU I 111 -20.32 -13.17 -9.95
N GLN I 112 -20.61 -13.59 -8.71
CA GLN I 112 -21.90 -13.28 -8.10
C GLN I 112 -21.97 -11.87 -7.56
N ASP I 113 -20.87 -11.33 -7.03
CA ASP I 113 -20.84 -9.91 -6.70
C ASP I 113 -20.98 -9.05 -7.94
N TYR I 114 -20.57 -9.57 -9.09
CA TYR I 114 -20.72 -8.86 -10.36
C TYR I 114 -22.13 -9.01 -10.91
N GLN I 115 -22.71 -10.21 -10.81
CA GLN I 115 -24.05 -10.43 -11.32
C GLN I 115 -25.09 -9.65 -10.52
N ASP I 116 -24.83 -9.40 -9.23
CA ASP I 116 -25.77 -8.64 -8.41
C ASP I 116 -25.92 -7.22 -8.93
N SER I 117 -24.80 -6.54 -9.17
CA SER I 117 -24.81 -5.13 -9.56
C SER I 117 -24.64 -4.93 -11.07
N TYR I 118 -24.70 -6.00 -11.85
CA TYR I 118 -24.52 -5.86 -13.29
C TYR I 118 -25.71 -5.14 -13.90
N THR I 119 -25.42 -4.07 -14.65
CA THR I 119 -26.44 -3.30 -15.37
C THR I 119 -27.57 -2.84 -14.46
N SER J 22 21.30 -2.51 13.87
CA SER J 22 21.46 -3.95 13.65
C SER J 22 22.81 -4.25 13.02
N MET J 23 23.30 -3.34 12.17
CA MET J 23 24.66 -3.53 11.66
C MET J 23 25.70 -2.89 12.55
N LYS J 24 25.29 -2.05 13.52
CA LYS J 24 26.21 -1.63 14.55
C LYS J 24 26.62 -2.80 15.43
N THR J 25 25.73 -3.80 15.58
CA THR J 25 26.03 -4.95 16.41
C THR J 25 26.84 -6.00 15.65
N VAL J 26 26.65 -6.13 14.34
CA VAL J 26 27.43 -7.10 13.59
C VAL J 26 28.87 -6.60 13.39
N VAL J 27 29.07 -5.28 13.35
CA VAL J 27 30.44 -4.76 13.31
C VAL J 27 31.09 -4.90 14.68
N ASN J 28 30.30 -4.72 15.75
CA ASN J 28 30.78 -5.09 17.07
C ASN J 28 31.07 -6.59 17.14
N LEU J 29 30.20 -7.40 16.55
CA LEU J 29 30.40 -8.85 16.55
C LEU J 29 31.66 -9.24 15.78
N LEU J 30 31.88 -8.62 14.62
CA LEU J 30 33.04 -8.97 13.81
C LEU J 30 34.32 -8.35 14.35
N PHE J 31 34.22 -7.22 15.05
CA PHE J 31 35.39 -6.68 15.74
C PHE J 31 35.79 -7.55 16.92
N ALA J 32 34.83 -8.24 17.54
CA ALA J 32 35.15 -9.17 18.61
C ALA J 32 35.85 -10.41 18.06
N ALA J 33 35.36 -10.95 16.95
CA ALA J 33 36.04 -12.06 16.31
C ALA J 33 37.40 -11.64 15.76
N TYR J 34 37.55 -10.36 15.42
CA TYR J 34 38.85 -9.85 14.97
C TYR J 34 39.81 -9.67 16.15
N SER J 35 39.30 -9.23 17.28
CA SER J 35 40.13 -9.02 18.48
C SER J 35 40.46 -10.32 19.19
N GLY J 36 39.66 -11.38 19.00
CA GLY J 36 39.80 -12.57 19.80
C GLY J 36 39.10 -12.52 21.12
N ASP J 37 38.26 -11.51 21.35
CA ASP J 37 37.50 -11.36 22.60
C ASP J 37 36.39 -12.40 22.63
N VAL J 38 36.75 -13.61 23.06
CA VAL J 38 35.77 -14.68 23.15
C VAL J 38 34.73 -14.38 24.21
N SER J 39 35.08 -13.59 25.22
CA SER J 39 34.12 -13.25 26.26
C SER J 39 32.95 -12.45 25.69
N ALA J 40 33.25 -11.46 24.85
CA ALA J 40 32.17 -10.71 24.20
C ALA J 40 31.36 -11.59 23.26
N LEU J 41 32.00 -12.59 22.65
CA LEU J 41 31.26 -13.53 21.81
C LEU J 41 30.28 -14.36 22.63
N ARG J 42 30.62 -14.67 23.88
CA ARG J 42 29.72 -15.47 24.70
C ARG J 42 28.48 -14.67 25.10
N ARG J 43 28.67 -13.43 25.54
CA ARG J 43 27.52 -12.62 25.94
C ARG J 43 26.69 -12.20 24.73
N PHE J 44 27.31 -12.11 23.55
CA PHE J 44 26.53 -11.88 22.34
C PHE J 44 25.69 -13.11 21.99
N ALA J 45 26.28 -14.31 22.12
CA ALA J 45 25.52 -15.53 21.86
C ALA J 45 24.46 -15.76 22.93
N LEU J 46 24.72 -15.32 24.17
CA LEU J 46 23.73 -15.47 25.23
C LEU J 46 22.50 -14.61 24.98
N SER J 47 22.69 -13.40 24.45
CA SER J 47 21.60 -12.48 24.15
C SER J 47 20.81 -12.87 22.89
N ALA J 48 20.88 -14.13 22.45
CA ALA J 48 20.12 -14.64 21.31
C ALA J 48 20.42 -13.89 20.02
N MET J 49 21.54 -13.18 19.94
CA MET J 49 21.91 -12.46 18.74
C MET J 49 22.31 -13.42 17.63
N ASP J 50 21.93 -13.10 16.39
CA ASP J 50 22.30 -13.90 15.25
C ASP J 50 23.81 -13.88 15.04
N MET J 51 24.48 -15.00 15.30
CA MET J 51 25.91 -15.11 15.11
C MET J 51 26.29 -15.39 13.66
N GLU J 52 25.34 -15.37 12.74
CA GLU J 52 25.59 -15.58 11.32
C GLU J 52 25.35 -14.33 10.49
N GLN J 53 25.14 -13.18 11.13
CA GLN J 53 24.94 -11.94 10.39
C GLN J 53 26.18 -11.59 9.59
N LYS J 54 25.96 -11.06 8.38
CA LYS J 54 27.04 -10.63 7.51
C LYS J 54 27.04 -9.11 7.41
N ASP J 55 28.18 -8.57 6.98
CA ASP J 55 28.35 -7.13 6.86
C ASP J 55 28.18 -6.71 5.40
N TYR J 56 28.69 -5.52 5.06
CA TYR J 56 28.59 -5.01 3.70
C TYR J 56 29.34 -5.89 2.70
N ASP J 57 30.41 -6.54 3.13
CA ASP J 57 31.16 -7.47 2.30
C ASP J 57 30.67 -8.89 2.42
N SER J 58 29.48 -9.10 3.00
CA SER J 58 28.91 -10.43 3.23
C SER J 58 29.83 -11.29 4.10
N ARG J 59 30.61 -10.66 4.97
CA ARG J 59 31.54 -11.38 5.83
C ARG J 59 30.88 -11.68 7.17
N THR J 60 30.99 -12.92 7.62
CA THR J 60 30.47 -13.33 8.92
C THR J 60 31.59 -13.29 9.95
N ALA J 61 31.21 -13.52 11.22
CA ALA J 61 32.20 -13.55 12.28
C ALA J 61 33.17 -14.72 12.10
N LEU J 62 32.72 -15.81 11.49
CA LEU J 62 33.61 -16.94 11.22
C LEU J 62 34.59 -16.61 10.09
N HIS J 63 34.18 -15.75 9.16
CA HIS J 63 35.12 -15.30 8.12
C HIS J 63 36.28 -14.54 8.74
N VAL J 64 35.98 -13.55 9.57
CA VAL J 64 37.03 -12.71 10.16
C VAL J 64 37.85 -13.52 11.15
N ALA J 65 37.24 -14.48 11.84
CA ALA J 65 37.98 -15.30 12.80
C ALA J 65 38.97 -16.21 12.09
N ALA J 66 38.55 -16.86 11.01
CA ALA J 66 39.44 -17.76 10.29
C ALA J 66 40.55 -17.00 9.57
N ALA J 67 40.26 -15.80 9.07
CA ALA J 67 41.29 -15.01 8.41
C ALA J 67 42.37 -14.59 9.38
N GLU J 68 41.99 -14.18 10.59
CA GLU J 68 42.95 -13.81 11.62
C GLU J 68 43.59 -15.00 12.30
N GLY J 69 43.05 -16.21 12.11
CA GLY J 69 43.60 -17.38 12.75
C GLY J 69 43.34 -17.47 14.24
N HIS J 70 42.27 -16.83 14.72
CA HIS J 70 41.90 -16.91 16.14
C HIS J 70 41.27 -18.28 16.37
N ILE J 71 42.04 -19.18 16.99
CA ILE J 71 41.64 -20.59 17.07
C ILE J 71 40.42 -20.76 17.99
N GLU J 72 40.49 -20.19 19.20
CA GLU J 72 39.41 -20.39 20.15
C GLU J 72 38.12 -19.69 19.71
N VAL J 73 38.23 -18.58 18.98
CA VAL J 73 37.05 -17.93 18.44
C VAL J 73 36.36 -18.84 17.43
N VAL J 74 37.15 -19.50 16.58
CA VAL J 74 36.58 -20.42 15.59
C VAL J 74 35.90 -21.60 16.28
N LYS J 75 36.52 -22.15 17.32
CA LYS J 75 35.93 -23.26 18.05
C LYS J 75 34.60 -22.85 18.69
N PHE J 76 34.57 -21.67 19.31
CA PHE J 76 33.33 -21.22 19.94
C PHE J 76 32.22 -21.02 18.92
N LEU J 77 32.56 -20.46 17.76
CA LEU J 77 31.56 -20.28 16.71
C LEU J 77 31.14 -21.61 16.09
N ILE J 78 31.99 -22.63 16.17
CA ILE J 78 31.68 -23.94 15.59
C ILE J 78 31.00 -24.83 16.62
N GLU J 79 31.56 -24.94 17.83
CA GLU J 79 31.03 -25.85 18.83
C GLU J 79 29.82 -25.27 19.54
N ALA J 80 29.91 -24.04 20.02
CA ALA J 80 28.83 -23.47 20.82
C ALA J 80 27.72 -22.89 19.95
N CYS J 81 28.08 -22.14 18.91
CA CYS J 81 27.09 -21.46 18.08
C CYS J 81 26.61 -22.30 16.92
N LYS J 82 27.43 -23.25 16.45
CA LYS J 82 27.08 -24.14 15.34
C LYS J 82 26.68 -23.34 14.11
N VAL J 83 27.46 -22.31 13.80
CA VAL J 83 27.19 -21.51 12.62
C VAL J 83 27.47 -22.31 11.35
N ASN J 84 26.90 -21.85 10.24
CA ASN J 84 27.08 -22.53 8.96
C ASN J 84 28.43 -22.15 8.38
N PRO J 85 29.32 -23.12 8.13
CA PRO J 85 30.65 -22.80 7.60
C PRO J 85 30.71 -22.61 6.10
N PHE J 86 29.59 -22.76 5.38
CA PHE J 86 29.57 -22.66 3.93
C PHE J 86 29.02 -21.33 3.45
N ALA J 87 29.03 -20.31 4.31
CA ALA J 87 28.57 -18.98 3.91
C ALA J 87 29.62 -18.31 3.03
N LYS J 88 29.18 -17.82 1.87
CA LYS J 88 30.07 -17.17 0.92
C LYS J 88 29.99 -15.66 1.08
N ASP J 89 31.15 -15.01 1.03
CA ASP J 89 31.22 -13.56 1.20
C ASP J 89 31.09 -12.88 -0.16
N ARG J 90 31.55 -11.64 -0.27
CA ARG J 90 31.42 -10.90 -1.52
C ARG J 90 32.21 -11.56 -2.65
N TRP J 91 33.40 -12.08 -2.33
CA TRP J 91 34.27 -12.71 -3.31
C TRP J 91 34.01 -14.20 -3.47
N GLY J 92 32.88 -14.69 -2.96
CA GLY J 92 32.53 -16.09 -3.08
C GLY J 92 33.33 -17.05 -2.22
N ASN J 93 34.03 -16.55 -1.21
CA ASN J 93 34.89 -17.37 -0.37
C ASN J 93 34.18 -17.70 0.94
N ILE J 94 34.33 -18.94 1.39
CA ILE J 94 33.81 -19.39 2.68
C ILE J 94 34.91 -19.12 3.72
N PRO J 95 34.60 -19.18 5.02
CA PRO J 95 35.65 -18.90 6.03
C PRO J 95 36.89 -19.77 5.90
N LEU J 96 36.78 -20.95 5.31
CA LEU J 96 37.94 -21.82 5.17
C LEU J 96 38.99 -21.22 4.26
N ASP J 97 38.57 -20.49 3.23
CA ASP J 97 39.52 -20.02 2.21
C ASP J 97 40.49 -18.99 2.77
N ASP J 98 40.02 -18.12 3.67
CA ASP J 98 40.91 -17.13 4.25
C ASP J 98 41.93 -17.76 5.18
N ALA J 99 41.55 -18.83 5.89
CA ALA J 99 42.48 -19.50 6.79
C ALA J 99 43.65 -20.12 6.03
N VAL J 100 43.39 -20.60 4.81
CA VAL J 100 44.45 -21.18 4.00
C VAL J 100 45.39 -20.10 3.48
N GLN J 101 44.83 -18.93 3.12
CA GLN J 101 45.64 -17.89 2.50
C GLN J 101 46.70 -17.34 3.44
N PHE J 102 46.42 -17.28 4.74
CA PHE J 102 47.35 -16.70 5.71
C PHE J 102 48.02 -17.75 6.57
N ASN J 103 47.87 -19.03 6.23
CA ASN J 103 48.65 -20.13 6.82
C ASN J 103 48.45 -20.25 8.33
N HIS J 104 47.23 -19.97 8.78
CA HIS J 104 46.80 -20.40 10.11
C HIS J 104 46.34 -21.84 9.97
N LEU J 105 47.16 -22.79 10.40
CA LEU J 105 47.00 -24.18 10.00
C LEU J 105 46.08 -24.99 10.90
N GLU J 106 45.89 -24.59 12.16
CA GLU J 106 44.99 -25.32 13.03
C GLU J 106 43.53 -25.04 12.70
N VAL J 107 43.20 -23.79 12.37
CA VAL J 107 41.82 -23.44 12.05
C VAL J 107 41.39 -24.11 10.74
N VAL J 108 42.32 -24.33 9.82
CA VAL J 108 41.99 -25.07 8.60
C VAL J 108 41.38 -26.43 8.96
N LYS J 109 42.18 -27.29 9.61
CA LYS J 109 41.70 -28.61 10.00
C LYS J 109 40.40 -28.54 10.79
N LEU J 110 40.28 -27.53 11.68
CA LEU J 110 39.04 -27.36 12.43
C LEU J 110 37.86 -27.13 11.51
N LEU J 111 38.04 -26.30 10.47
CA LEU J 111 36.95 -26.05 9.53
C LEU J 111 36.72 -27.24 8.61
N GLN J 112 37.80 -27.88 8.15
CA GLN J 112 37.64 -29.05 7.29
C GLN J 112 36.98 -30.20 8.04
N ASP J 113 37.31 -30.37 9.32
CA ASP J 113 36.63 -31.37 10.13
C ASP J 113 35.16 -31.03 10.32
N TYR J 114 34.87 -29.75 10.60
CA TYR J 114 33.49 -29.32 10.83
C TYR J 114 32.69 -29.37 9.54
N GLN J 115 33.25 -28.88 8.43
CA GLN J 115 32.56 -28.95 7.15
C GLN J 115 32.38 -30.38 6.66
N ASP J 116 33.21 -31.31 7.14
CA ASP J 116 33.09 -32.70 6.73
C ASP J 116 31.83 -33.35 7.28
N SER J 117 31.41 -32.97 8.48
CA SER J 117 30.25 -33.58 9.13
C SER J 117 29.14 -32.56 9.40
N TYR J 118 29.18 -31.40 8.73
CA TYR J 118 28.20 -30.36 8.99
C TYR J 118 26.81 -30.80 8.54
N THR J 119 25.81 -30.38 9.30
CA THR J 119 24.38 -30.65 9.04
C THR J 119 24.11 -32.08 8.57
#